data_4YAN
#
_entry.id   4YAN
#
_cell.length_a   121.006
_cell.length_b   96.137
_cell.length_c   126.164
_cell.angle_alpha   90.00
_cell.angle_beta   81.52
_cell.angle_gamma   90.00
#
_symmetry.space_group_name_H-M   'C 1 2 1'
#
loop_
_entity.id
_entity.type
_entity.pdbx_description
1 polymer Beta-etherase
2 non-polymer GLUTATHIONE
3 water water
#
_entity_poly.entity_id   1
_entity_poly.type   'polypeptide(L)'
_entity_poly.pdbx_seq_one_letter_code
;MARNNTITLYDLQLESGCTISPYVWRTKYALKHKGFDIDIVPGGFTGILERTGGRSERVPVIVDDGEWVLDSWVIAEYLD
EKYPDRPMLFEGPTQKNLMKFLDNWLWSTAVGPWFRCYILDYHDLSLPQDRDYVRWSREQWFLGGQRLEDVQAGREDRLP
LVPPTLEPFRRILAETKWLGGDQPNFADYSALAVFLWTASVARTPPLTEDDPLRDWLDRGFDLFDGLGRHPGMNPLFGLK
LREGDPEPFVRQTGPAGAGGQALNKGPQTTKMPPRVAEKAD
;
_entity_poly.pdbx_strand_id   A,B,C,D
#
# COMPACT_ATOMS: atom_id res chain seq x y z
N ASN A 4 -14.19 -33.94 -6.37
CA ASN A 4 -13.35 -33.93 -7.57
C ASN A 4 -13.96 -34.81 -8.66
N ASN A 5 -13.93 -34.37 -9.93
CA ASN A 5 -13.39 -33.09 -10.38
C ASN A 5 -14.47 -32.00 -10.35
N THR A 6 -15.12 -31.84 -9.20
CA THR A 6 -16.23 -30.91 -9.06
C THR A 6 -15.97 -29.91 -7.93
N ILE A 7 -16.43 -28.67 -8.14
CA ILE A 7 -16.39 -27.64 -7.11
C ILE A 7 -17.78 -27.07 -6.93
N THR A 8 -18.27 -27.07 -5.69
CA THR A 8 -19.58 -26.50 -5.39
C THR A 8 -19.57 -25.01 -5.68
N LEU A 9 -20.67 -24.49 -6.19
CA LEU A 9 -20.82 -23.06 -6.43
C LEU A 9 -22.20 -22.57 -6.00
N TYR A 10 -22.22 -21.72 -4.99
CA TYR A 10 -23.47 -21.11 -4.54
C TYR A 10 -23.83 -19.98 -5.49
N ASP A 11 -24.86 -20.23 -6.29
CA ASP A 11 -25.27 -19.35 -7.36
C ASP A 11 -26.20 -18.24 -6.85
N LEU A 12 -26.35 -17.20 -7.66
CA LEU A 12 -27.40 -16.21 -7.45
C LEU A 12 -28.24 -16.17 -8.74
N GLN A 13 -29.37 -16.87 -8.71
CA GLN A 13 -30.17 -17.08 -9.91
C GLN A 13 -31.47 -16.30 -9.89
N LEU A 14 -31.95 -15.97 -11.09
CA LEU A 14 -33.27 -15.40 -11.26
C LEU A 14 -34.28 -16.53 -11.33
N GLU A 15 -35.57 -16.18 -11.45
CA GLU A 15 -36.62 -17.19 -11.47
C GLU A 15 -36.40 -18.20 -12.59
N SER A 16 -35.72 -17.77 -13.65
CA SER A 16 -35.43 -18.64 -14.78
C SER A 16 -34.26 -19.57 -14.49
N GLY A 17 -33.74 -19.52 -13.26
CA GLY A 17 -32.57 -20.29 -12.90
C GLY A 17 -31.32 -19.69 -13.51
N CYS A 18 -31.47 -18.52 -14.11
CA CYS A 18 -30.39 -17.86 -14.82
C CYS A 18 -29.61 -16.94 -13.89
N THR A 19 -28.29 -17.10 -13.88
CA THR A 19 -27.42 -16.28 -13.05
C THR A 19 -27.57 -14.80 -13.39
N ILE A 20 -27.54 -13.95 -12.36
CA ILE A 20 -27.65 -12.52 -12.54
C ILE A 20 -26.40 -11.79 -12.07
N SER A 21 -25.84 -12.25 -10.96
CA SER A 21 -24.68 -11.59 -10.36
C SER A 21 -23.44 -11.69 -11.25
N PRO A 22 -22.82 -10.55 -11.59
CA PRO A 22 -21.60 -10.62 -12.39
C PRO A 22 -20.46 -11.28 -11.63
N TYR A 23 -20.50 -11.20 -10.30
CA TYR A 23 -19.49 -11.81 -9.45
C TYR A 23 -19.60 -13.33 -9.52
N VAL A 24 -20.83 -13.82 -9.62
CA VAL A 24 -21.08 -15.25 -9.75
C VAL A 24 -20.83 -15.70 -11.19
N TRP A 25 -21.07 -14.80 -12.14
CA TRP A 25 -20.81 -15.10 -13.55
C TRP A 25 -19.34 -15.36 -13.81
N ARG A 26 -18.48 -14.45 -13.37
CA ARG A 26 -17.05 -14.58 -13.63
C ARG A 26 -16.43 -15.71 -12.81
N THR A 27 -17.11 -16.13 -11.76
CA THR A 27 -16.68 -17.29 -10.98
C THR A 27 -16.99 -18.57 -11.74
N LYS A 28 -18.20 -18.65 -12.29
CA LYS A 28 -18.56 -19.76 -13.18
C LYS A 28 -17.54 -19.90 -14.30
N TYR A 29 -17.26 -18.78 -14.96
CA TYR A 29 -16.28 -18.74 -16.04
C TYR A 29 -14.89 -19.11 -15.55
N ALA A 30 -14.56 -18.68 -14.34
CA ALA A 30 -13.24 -18.96 -13.77
C ALA A 30 -13.07 -20.45 -13.47
N LEU A 31 -14.18 -21.12 -13.20
CA LEU A 31 -14.15 -22.54 -12.87
C LEU A 31 -14.04 -23.42 -14.12
N LYS A 32 -14.76 -23.06 -15.17
CA LYS A 32 -14.69 -23.80 -16.43
C LYS A 32 -13.36 -23.52 -17.12
N HIS A 33 -12.86 -22.30 -16.95
CA HIS A 33 -11.53 -21.94 -17.44
C HIS A 33 -10.48 -22.86 -16.83
N LYS A 34 -10.72 -23.28 -15.60
CA LYS A 34 -9.81 -24.19 -14.90
C LYS A 34 -10.11 -25.65 -15.22
N GLY A 35 -11.21 -25.89 -15.94
CA GLY A 35 -11.58 -27.23 -16.35
C GLY A 35 -12.36 -28.00 -15.30
N PHE A 36 -12.88 -27.28 -14.30
CA PHE A 36 -13.68 -27.91 -13.26
C PHE A 36 -15.12 -28.11 -13.70
N ASP A 37 -15.79 -29.07 -13.06
CA ASP A 37 -17.23 -29.20 -13.15
C ASP A 37 -17.84 -28.43 -11.99
N ILE A 38 -18.99 -27.82 -12.20
CA ILE A 38 -19.61 -26.97 -11.19
C ILE A 38 -20.88 -27.60 -10.62
N ASP A 39 -20.84 -27.95 -9.34
CA ASP A 39 -22.03 -28.38 -8.62
C ASP A 39 -22.78 -27.14 -8.15
N ILE A 40 -23.70 -26.67 -8.97
CA ILE A 40 -24.40 -25.43 -8.71
C ILE A 40 -25.47 -25.60 -7.64
N VAL A 41 -25.39 -24.74 -6.61
CA VAL A 41 -26.43 -24.67 -5.58
C VAL A 41 -27.37 -23.52 -5.92
N PRO A 42 -28.58 -23.84 -6.40
CA PRO A 42 -29.49 -22.75 -6.81
C PRO A 42 -30.04 -21.96 -5.63
N GLY A 43 -30.19 -20.66 -5.81
CA GLY A 43 -30.72 -19.79 -4.78
C GLY A 43 -30.68 -18.36 -5.26
N GLY A 44 -31.49 -17.50 -4.62
CA GLY A 44 -31.59 -16.12 -5.02
C GLY A 44 -30.97 -15.16 -4.02
N PHE A 45 -31.48 -13.95 -3.99
CA PHE A 45 -30.96 -12.90 -3.13
C PHE A 45 -31.26 -13.16 -1.66
N THR A 46 -32.44 -13.70 -1.39
CA THR A 46 -32.89 -13.93 -0.03
C THR A 46 -32.48 -15.32 0.46
N GLY A 47 -32.07 -15.40 1.72
CA GLY A 47 -31.73 -16.68 2.32
C GLY A 47 -30.34 -17.18 1.96
N ILE A 48 -29.43 -16.25 1.65
CA ILE A 48 -28.07 -16.62 1.33
C ILE A 48 -27.34 -17.18 2.55
N LEU A 49 -27.46 -16.49 3.67
CA LEU A 49 -26.79 -16.89 4.90
C LEU A 49 -27.24 -18.27 5.35
N GLU A 50 -28.50 -18.60 5.10
CA GLU A 50 -29.05 -19.88 5.52
C GLU A 50 -28.67 -21.01 4.56
N ARG A 51 -28.52 -20.68 3.27
CA ARG A 51 -28.10 -21.69 2.28
C ARG A 51 -26.70 -22.17 2.59
N THR A 52 -25.78 -21.24 2.79
CA THR A 52 -24.46 -21.57 3.30
C THR A 52 -24.62 -21.94 4.78
N GLY A 53 -23.57 -22.49 5.38
CA GLY A 53 -23.64 -22.90 6.77
C GLY A 53 -23.54 -21.72 7.74
N GLY A 54 -24.22 -20.63 7.43
CA GLY A 54 -24.10 -19.42 8.21
C GLY A 54 -22.75 -18.78 8.00
N ARG A 55 -22.12 -19.09 6.87
CA ARG A 55 -20.74 -18.67 6.62
C ARG A 55 -20.64 -17.40 5.77
N SER A 56 -21.71 -17.05 5.07
CA SER A 56 -21.64 -15.94 4.11
C SER A 56 -23.00 -15.28 3.84
N GLU A 57 -23.03 -13.97 3.93
CA GLU A 57 -24.24 -13.19 3.64
C GLU A 57 -24.28 -12.76 2.17
N ARG A 58 -23.27 -13.18 1.41
CA ARG A 58 -23.17 -12.85 -0.01
C ARG A 58 -22.69 -14.05 -0.83
N VAL A 59 -22.96 -14.00 -2.13
CA VAL A 59 -22.48 -14.99 -3.10
C VAL A 59 -21.75 -14.26 -4.22
N PRO A 60 -20.84 -14.94 -4.93
CA PRO A 60 -20.55 -16.37 -4.95
C PRO A 60 -19.76 -16.92 -3.76
N VAL A 61 -19.90 -18.21 -3.56
CA VAL A 61 -19.14 -18.96 -2.58
C VAL A 61 -18.87 -20.33 -3.18
N ILE A 62 -17.63 -20.80 -3.10
CA ILE A 62 -17.30 -22.14 -3.59
C ILE A 62 -16.84 -23.03 -2.44
N VAL A 63 -17.05 -24.33 -2.62
CA VAL A 63 -16.62 -25.32 -1.64
C VAL A 63 -15.81 -26.40 -2.32
N ASP A 64 -14.53 -26.12 -2.55
CA ASP A 64 -13.62 -27.10 -3.10
C ASP A 64 -13.34 -28.15 -2.04
N ASP A 65 -13.78 -29.38 -2.31
CA ASP A 65 -13.76 -30.45 -1.31
C ASP A 65 -14.52 -29.99 -0.08
N GLY A 66 -13.81 -29.48 0.91
CA GLY A 66 -14.40 -29.01 2.15
C GLY A 66 -14.05 -27.56 2.43
N GLU A 67 -13.08 -27.03 1.69
CA GLU A 67 -12.60 -25.67 1.91
C GLU A 67 -13.53 -24.64 1.27
N TRP A 68 -14.15 -23.82 2.11
CA TRP A 68 -15.02 -22.75 1.65
C TRP A 68 -14.19 -21.54 1.22
N VAL A 69 -14.62 -20.89 0.15
CA VAL A 69 -13.96 -19.69 -0.34
C VAL A 69 -14.98 -18.63 -0.73
N LEU A 70 -14.89 -17.47 -0.10
CA LEU A 70 -15.82 -16.38 -0.33
C LEU A 70 -15.22 -15.34 -1.27
N ASP A 71 -16.08 -14.53 -1.89
CA ASP A 71 -15.66 -13.43 -2.77
C ASP A 71 -15.06 -13.92 -4.08
N SER A 72 -15.67 -13.51 -5.20
CA SER A 72 -15.26 -13.96 -6.53
C SER A 72 -13.79 -13.67 -6.84
N TRP A 73 -13.30 -12.53 -6.39
CA TRP A 73 -11.91 -12.15 -6.65
C TRP A 73 -10.97 -13.06 -5.86
N VAL A 74 -11.31 -13.31 -4.62
CA VAL A 74 -10.53 -14.21 -3.76
C VAL A 74 -10.57 -15.63 -4.31
N ILE A 75 -11.75 -16.04 -4.74
CA ILE A 75 -11.94 -17.36 -5.35
C ILE A 75 -11.05 -17.52 -6.58
N ALA A 76 -11.04 -16.50 -7.44
CA ALA A 76 -10.20 -16.52 -8.64
C ALA A 76 -8.73 -16.65 -8.26
N GLU A 77 -8.29 -15.84 -7.30
CA GLU A 77 -6.93 -15.88 -6.79
C GLU A 77 -6.65 -17.22 -6.13
N TYR A 78 -7.69 -17.80 -5.53
CA TYR A 78 -7.57 -19.10 -4.87
C TYR A 78 -7.40 -20.22 -5.90
N LEU A 79 -8.13 -20.13 -7.00
CA LEU A 79 -8.03 -21.14 -8.05
C LEU A 79 -6.66 -21.11 -8.72
N ASP A 80 -6.07 -19.91 -8.82
CA ASP A 80 -4.72 -19.78 -9.35
C ASP A 80 -3.70 -20.26 -8.31
N GLU A 81 -4.02 -20.03 -7.04
CA GLU A 81 -3.15 -20.44 -5.94
C GLU A 81 -3.03 -21.96 -5.86
N LYS A 82 -4.17 -22.63 -5.78
CA LYS A 82 -4.20 -24.07 -5.50
C LYS A 82 -4.14 -24.93 -6.76
N TYR A 83 -4.34 -24.31 -7.92
CA TYR A 83 -4.31 -25.04 -9.19
C TYR A 83 -3.51 -24.32 -10.27
N PRO A 84 -2.20 -24.17 -10.06
CA PRO A 84 -1.35 -23.58 -11.09
C PRO A 84 -1.23 -24.48 -12.33
N ASP A 85 -1.49 -25.78 -12.13
CA ASP A 85 -1.41 -26.74 -13.22
C ASP A 85 -2.49 -26.48 -14.26
N ARG A 86 -3.61 -25.94 -13.82
CA ARG A 86 -4.75 -25.64 -14.70
C ARG A 86 -4.59 -24.25 -15.29
N PRO A 87 -5.30 -23.96 -16.41
CA PRO A 87 -5.18 -22.67 -17.10
C PRO A 87 -5.29 -21.47 -16.17
N MET A 88 -4.33 -20.56 -16.26
CA MET A 88 -4.24 -19.45 -15.31
C MET A 88 -5.29 -18.37 -15.53
N LEU A 89 -5.86 -17.90 -14.43
CA LEU A 89 -6.86 -16.85 -14.46
C LEU A 89 -6.19 -15.48 -14.51
N PHE A 90 -5.12 -15.33 -13.73
CA PHE A 90 -4.37 -14.08 -13.66
C PHE A 90 -3.00 -14.21 -14.32
N GLU A 91 -2.68 -13.21 -15.13
CA GLU A 91 -1.42 -13.16 -15.85
C GLU A 91 -0.30 -12.69 -14.93
N GLY A 92 -0.67 -11.97 -13.88
CA GLY A 92 0.28 -11.45 -12.92
C GLY A 92 -0.30 -10.27 -12.16
N PRO A 93 0.47 -9.72 -11.20
CA PRO A 93 0.03 -8.59 -10.38
C PRO A 93 -0.47 -7.40 -11.20
N THR A 94 0.11 -7.18 -12.37
CA THR A 94 -0.22 -6.02 -13.18
C THR A 94 -1.61 -6.14 -13.80
N GLN A 95 -2.00 -7.37 -14.14
CA GLN A 95 -3.34 -7.60 -14.66
C GLN A 95 -4.36 -7.19 -13.59
N LYS A 96 -4.14 -7.68 -12.37
CA LYS A 96 -5.07 -7.45 -11.27
C LYS A 96 -5.40 -5.96 -11.09
N ASN A 97 -4.36 -5.14 -11.04
CA ASN A 97 -4.54 -3.70 -10.89
C ASN A 97 -5.23 -3.07 -12.10
N LEU A 98 -4.77 -3.43 -13.29
CA LEU A 98 -5.33 -2.88 -14.52
C LEU A 98 -6.73 -3.41 -14.79
N MET A 99 -7.00 -4.64 -14.35
CA MET A 99 -8.33 -5.22 -14.42
C MET A 99 -9.34 -4.36 -13.67
N LYS A 100 -9.03 -4.07 -12.41
CA LYS A 100 -9.93 -3.33 -11.54
C LYS A 100 -10.23 -1.95 -12.11
N PHE A 101 -9.25 -1.39 -12.83
CA PHE A 101 -9.46 -0.10 -13.46
C PHE A 101 -10.50 -0.22 -14.57
N LEU A 102 -10.35 -1.26 -15.40
CA LEU A 102 -11.32 -1.52 -16.46
C LEU A 102 -12.67 -1.90 -15.86
N ASP A 103 -12.64 -2.75 -14.85
CA ASP A 103 -13.86 -3.18 -14.17
C ASP A 103 -14.63 -1.99 -13.63
N ASN A 104 -13.95 -1.13 -12.88
CA ASN A 104 -14.56 0.08 -12.34
C ASN A 104 -15.14 0.95 -13.45
N TRP A 105 -14.41 1.06 -14.55
CA TRP A 105 -14.83 1.90 -15.66
C TRP A 105 -16.09 1.34 -16.32
N LEU A 106 -16.16 0.02 -16.43
CA LEU A 106 -17.34 -0.64 -17.00
C LEU A 106 -18.55 -0.50 -16.09
N TRP A 107 -18.31 -0.49 -14.79
CA TRP A 107 -19.37 -0.35 -13.81
C TRP A 107 -19.97 1.06 -13.82
N SER A 108 -19.12 2.06 -14.04
CA SER A 108 -19.57 3.45 -14.08
C SER A 108 -20.24 3.78 -15.41
N THR A 109 -19.76 3.14 -16.48
CA THR A 109 -20.17 3.48 -17.83
C THR A 109 -21.34 2.63 -18.32
N ALA A 110 -21.32 1.34 -17.98
CA ALA A 110 -22.34 0.41 -18.44
C ALA A 110 -23.32 0.04 -17.35
N VAL A 111 -22.81 -0.45 -16.22
CA VAL A 111 -23.67 -0.92 -15.13
C VAL A 111 -24.49 0.21 -14.52
N GLY A 112 -23.85 1.36 -14.28
CA GLY A 112 -24.52 2.51 -13.71
C GLY A 112 -25.81 2.85 -14.42
N PRO A 113 -25.73 3.19 -15.73
CA PRO A 113 -26.93 3.49 -16.52
C PRO A 113 -27.87 2.28 -16.67
N TRP A 114 -27.36 1.15 -17.13
CA TRP A 114 -28.18 -0.01 -17.41
C TRP A 114 -28.92 -0.51 -16.17
N PHE A 115 -28.31 -0.31 -15.00
CA PHE A 115 -28.96 -0.68 -13.74
C PHE A 115 -30.27 0.08 -13.60
N ARG A 116 -30.24 1.38 -13.86
CA ARG A 116 -31.43 2.21 -13.75
C ARG A 116 -32.36 2.05 -14.95
N CYS A 117 -31.91 1.28 -15.94
CA CYS A 117 -32.70 1.03 -17.15
C CYS A 117 -33.35 -0.35 -17.12
N TYR A 118 -32.95 -1.18 -16.17
CA TYR A 118 -33.47 -2.54 -16.08
C TYR A 118 -33.79 -2.94 -14.63
N ILE A 119 -33.93 -1.96 -13.75
CA ILE A 119 -34.14 -2.24 -12.34
C ILE A 119 -35.48 -2.91 -12.06
N LEU A 120 -36.51 -2.54 -12.83
CA LEU A 120 -37.82 -3.15 -12.67
C LEU A 120 -37.81 -4.57 -13.26
N ASP A 121 -37.15 -4.72 -14.41
CA ASP A 121 -36.97 -6.04 -15.01
C ASP A 121 -36.15 -6.92 -14.07
N TYR A 122 -35.09 -6.35 -13.54
CA TYR A 122 -34.27 -6.96 -12.50
C TYR A 122 -35.15 -7.50 -11.39
N HIS A 123 -36.13 -6.69 -10.98
CA HIS A 123 -37.05 -7.05 -9.91
C HIS A 123 -38.06 -8.11 -10.35
N ASP A 124 -38.66 -7.90 -11.52
CA ASP A 124 -39.72 -8.78 -12.02
C ASP A 124 -39.20 -10.17 -12.37
N LEU A 125 -38.00 -10.25 -12.93
CA LEU A 125 -37.44 -11.52 -13.37
C LEU A 125 -36.91 -12.35 -12.21
N SER A 126 -36.79 -11.73 -11.04
CA SER A 126 -36.25 -12.41 -9.86
C SER A 126 -37.22 -13.49 -9.37
N LEU A 127 -36.71 -14.38 -8.53
CA LEU A 127 -37.55 -15.40 -7.90
C LEU A 127 -38.68 -14.71 -7.12
N PRO A 128 -39.84 -15.39 -7.01
CA PRO A 128 -40.96 -14.79 -6.26
C PRO A 128 -40.59 -14.38 -4.84
N GLN A 129 -39.76 -15.16 -4.17
CA GLN A 129 -39.38 -14.88 -2.79
C GLN A 129 -38.43 -13.70 -2.65
N ASP A 130 -37.83 -13.29 -3.76
CA ASP A 130 -36.86 -12.20 -3.74
C ASP A 130 -37.48 -10.84 -4.05
N ARG A 131 -38.60 -10.85 -4.77
CA ARG A 131 -39.20 -9.64 -5.32
C ARG A 131 -39.42 -8.57 -4.26
N ASP A 132 -39.94 -8.97 -3.11
CA ASP A 132 -40.14 -8.03 -2.01
C ASP A 132 -38.81 -7.48 -1.52
N TYR A 133 -37.86 -8.37 -1.27
CA TYR A 133 -36.54 -7.95 -0.79
C TYR A 133 -35.84 -7.03 -1.78
N VAL A 134 -35.83 -7.44 -3.05
CA VAL A 134 -35.20 -6.66 -4.10
C VAL A 134 -35.88 -5.29 -4.25
N ARG A 135 -37.19 -5.25 -4.02
CA ARG A 135 -37.95 -4.01 -4.15
C ARG A 135 -37.44 -2.94 -3.19
N TRP A 136 -37.64 -3.14 -1.89
CA TRP A 136 -37.41 -2.09 -0.91
C TRP A 136 -35.93 -1.79 -0.69
N SER A 137 -35.07 -2.79 -0.84
CA SER A 137 -33.64 -2.60 -0.61
C SER A 137 -33.03 -1.74 -1.72
N ARG A 138 -33.26 -2.13 -2.96
CA ARG A 138 -32.69 -1.44 -4.11
C ARG A 138 -33.20 0.00 -4.23
N GLU A 139 -34.51 0.19 -4.04
CA GLU A 139 -35.13 1.50 -4.26
C GLU A 139 -34.96 2.44 -3.06
N GLN A 140 -34.10 2.07 -2.12
CA GLN A 140 -33.94 2.86 -0.90
C GLN A 140 -32.49 2.98 -0.45
N TRP A 141 -31.62 2.12 -0.98
CA TRP A 141 -30.23 2.06 -0.54
C TRP A 141 -29.24 2.52 -1.61
N PHE A 142 -29.52 2.18 -2.85
CA PHE A 142 -28.58 2.41 -3.96
C PHE A 142 -28.58 3.77 -4.68
N LEU A 143 -29.71 4.47 -4.85
CA LEU A 143 -31.03 4.15 -4.31
C LEU A 143 -32.12 4.54 -5.32
N GLY A 144 -33.20 5.15 -4.85
CA GLY A 144 -34.29 5.56 -5.72
C GLY A 144 -34.33 7.06 -5.95
N GLY A 145 -34.79 7.83 -4.97
CA GLY A 145 -35.24 7.33 -3.68
C GLY A 145 -36.61 6.70 -3.72
N GLN A 146 -37.33 6.89 -4.83
CA GLN A 146 -38.67 6.33 -4.97
C GLN A 146 -38.62 5.04 -5.80
N ARG A 147 -39.81 4.50 -6.11
CA ARG A 147 -39.93 3.12 -6.57
C ARG A 147 -39.30 2.83 -7.92
N LEU A 148 -39.33 1.55 -8.29
CA LEU A 148 -38.61 1.05 -9.46
C LEU A 148 -39.27 1.43 -10.78
N GLU A 149 -40.61 1.40 -10.81
CA GLU A 149 -41.34 1.75 -12.02
C GLU A 149 -41.01 3.15 -12.48
N ASP A 150 -40.72 4.04 -11.53
CA ASP A 150 -40.41 5.43 -11.84
C ASP A 150 -38.97 5.59 -12.34
N VAL A 151 -38.09 4.71 -11.88
CA VAL A 151 -36.69 4.78 -12.28
C VAL A 151 -36.47 4.19 -13.67
N GLN A 152 -37.03 3.01 -13.91
CA GLN A 152 -36.88 2.35 -15.21
C GLN A 152 -37.65 3.08 -16.31
N ALA A 153 -38.62 3.90 -15.91
CA ALA A 153 -39.39 4.68 -16.87
C ALA A 153 -38.49 5.65 -17.63
N GLY A 154 -38.68 5.74 -18.94
CA GLY A 154 -37.92 6.65 -19.77
C GLY A 154 -36.58 6.07 -20.21
N ARG A 155 -36.43 4.75 -20.05
CA ARG A 155 -35.19 4.10 -20.43
C ARG A 155 -34.98 4.14 -21.93
N GLU A 156 -36.08 4.27 -22.67
CA GLU A 156 -36.02 4.37 -24.13
C GLU A 156 -35.17 5.56 -24.55
N ASP A 157 -35.11 6.57 -23.69
CA ASP A 157 -34.33 7.77 -23.95
C ASP A 157 -32.90 7.65 -23.43
N ARG A 158 -32.73 6.82 -22.39
CA ARG A 158 -31.43 6.69 -21.73
C ARG A 158 -30.50 5.70 -22.42
N LEU A 159 -31.07 4.58 -22.88
CA LEU A 159 -30.27 3.50 -23.45
C LEU A 159 -29.42 3.93 -24.65
N PRO A 160 -29.97 4.77 -25.54
CA PRO A 160 -29.17 5.19 -26.70
C PRO A 160 -27.88 5.93 -26.36
N LEU A 161 -27.74 6.40 -25.12
CA LEU A 161 -26.59 7.21 -24.73
C LEU A 161 -25.44 6.38 -24.15
N VAL A 162 -25.66 5.08 -23.97
CA VAL A 162 -24.63 4.22 -23.40
C VAL A 162 -23.65 3.68 -24.44
N PRO A 163 -24.14 3.21 -25.61
CA PRO A 163 -23.24 2.63 -26.61
C PRO A 163 -22.04 3.52 -26.99
N PRO A 164 -22.25 4.83 -27.17
CA PRO A 164 -21.11 5.66 -27.55
C PRO A 164 -20.05 5.73 -26.45
N THR A 165 -20.48 5.67 -25.20
CA THR A 165 -19.57 5.78 -24.07
C THR A 165 -18.71 4.53 -23.90
N LEU A 166 -19.07 3.45 -24.59
CA LEU A 166 -18.33 2.20 -24.50
C LEU A 166 -17.16 2.15 -25.50
N GLU A 167 -16.99 3.21 -26.27
CA GLU A 167 -15.99 3.22 -27.33
C GLU A 167 -14.56 2.96 -26.84
N PRO A 168 -14.20 3.48 -25.65
CA PRO A 168 -12.86 3.17 -25.12
C PRO A 168 -12.63 1.68 -24.94
N PHE A 169 -13.70 0.93 -24.72
CA PHE A 169 -13.61 -0.53 -24.56
C PHE A 169 -13.65 -1.22 -25.92
N ARG A 170 -14.29 -0.58 -26.89
CA ARG A 170 -14.31 -1.09 -28.26
C ARG A 170 -12.94 -0.94 -28.90
N ARG A 171 -12.23 0.11 -28.50
CA ARG A 171 -10.92 0.42 -29.05
C ARG A 171 -9.92 -0.69 -28.74
N ILE A 172 -10.02 -1.25 -27.54
CA ILE A 172 -9.12 -2.32 -27.12
C ILE A 172 -9.43 -3.62 -27.85
N LEU A 173 -10.70 -4.01 -27.84
CA LEU A 173 -11.12 -5.27 -28.45
C LEU A 173 -10.95 -5.27 -29.97
N ALA A 174 -10.75 -4.09 -30.55
CA ALA A 174 -10.55 -3.98 -31.98
C ALA A 174 -9.18 -4.47 -32.41
N GLU A 175 -8.28 -4.63 -31.44
CA GLU A 175 -6.88 -4.99 -31.72
C GLU A 175 -6.45 -6.26 -30.99
N THR A 176 -7.41 -6.95 -30.40
CA THR A 176 -7.15 -8.23 -29.73
C THR A 176 -8.40 -9.08 -29.71
N LYS A 177 -8.23 -10.39 -29.88
CA LYS A 177 -9.36 -11.31 -29.88
C LYS A 177 -9.97 -11.37 -28.48
N TRP A 178 -9.10 -11.57 -27.50
CA TRP A 178 -9.49 -11.55 -26.09
C TRP A 178 -8.69 -10.50 -25.34
N LEU A 179 -9.16 -10.13 -24.15
CA LEU A 179 -8.39 -9.27 -23.28
C LEU A 179 -7.13 -10.02 -22.83
N GLY A 180 -7.26 -11.33 -22.70
CA GLY A 180 -6.16 -12.16 -22.26
C GLY A 180 -5.16 -12.48 -23.36
N GLY A 181 -5.44 -12.00 -24.57
CA GLY A 181 -4.57 -12.21 -25.72
C GLY A 181 -5.21 -13.11 -26.75
N ASP A 182 -4.50 -14.18 -27.12
CA ASP A 182 -5.03 -15.14 -28.07
C ASP A 182 -6.06 -16.04 -27.39
N GLN A 183 -5.94 -16.16 -26.07
CA GLN A 183 -6.90 -16.93 -25.27
C GLN A 183 -7.49 -16.03 -24.19
N PRO A 184 -8.69 -16.38 -23.69
CA PRO A 184 -9.31 -15.59 -22.63
C PRO A 184 -8.80 -15.95 -21.24
N ASN A 185 -8.82 -14.98 -20.33
CA ASN A 185 -8.55 -15.24 -18.92
C ASN A 185 -9.54 -14.46 -18.05
N PHE A 186 -9.20 -14.26 -16.78
CA PHE A 186 -10.11 -13.63 -15.83
C PHE A 186 -10.42 -12.18 -16.21
N ALA A 187 -9.54 -11.58 -17.01
CA ALA A 187 -9.77 -10.21 -17.49
C ALA A 187 -11.04 -10.17 -18.31
N ASP A 188 -11.16 -11.12 -19.25
CA ASP A 188 -12.33 -11.21 -20.09
C ASP A 188 -13.57 -11.55 -19.26
N TYR A 189 -13.44 -12.56 -18.41
CA TYR A 189 -14.56 -13.08 -17.63
C TYR A 189 -15.08 -12.01 -16.67
N SER A 190 -14.17 -11.20 -16.13
CA SER A 190 -14.55 -10.11 -15.24
C SER A 190 -15.34 -9.05 -15.99
N ALA A 191 -14.84 -8.67 -17.17
CA ALA A 191 -15.49 -7.68 -18.01
C ALA A 191 -16.76 -8.25 -18.64
N LEU A 192 -16.70 -9.52 -19.02
CA LEU A 192 -17.82 -10.17 -19.69
C LEU A 192 -19.00 -10.33 -18.72
N ALA A 193 -18.68 -10.43 -17.43
CA ALA A 193 -19.71 -10.58 -16.40
C ALA A 193 -20.67 -9.39 -16.42
N VAL A 194 -20.14 -8.22 -16.75
CA VAL A 194 -20.95 -7.01 -16.84
C VAL A 194 -22.10 -7.21 -17.82
N PHE A 195 -21.78 -7.76 -18.98
CA PHE A 195 -22.76 -7.93 -20.04
C PHE A 195 -23.61 -9.18 -19.80
N LEU A 196 -23.03 -10.17 -19.12
CA LEU A 196 -23.76 -11.37 -18.73
C LEU A 196 -24.85 -11.03 -17.73
N TRP A 197 -24.55 -10.11 -16.82
CA TRP A 197 -25.56 -9.61 -15.89
C TRP A 197 -26.61 -8.80 -16.64
N THR A 198 -26.15 -7.96 -17.56
CA THR A 198 -27.06 -7.15 -18.37
C THR A 198 -28.02 -8.04 -19.14
N ALA A 199 -27.48 -9.09 -19.73
CA ALA A 199 -28.26 -10.01 -20.55
C ALA A 199 -29.31 -10.75 -19.73
N SER A 200 -29.07 -10.88 -18.43
CA SER A 200 -29.98 -11.63 -17.57
C SER A 200 -31.24 -10.82 -17.23
N VAL A 201 -31.11 -9.49 -17.26
CA VAL A 201 -32.21 -8.62 -16.82
C VAL A 201 -32.69 -7.68 -17.93
N ALA A 202 -31.98 -7.65 -19.05
CA ALA A 202 -32.34 -6.74 -20.14
C ALA A 202 -33.49 -7.29 -20.98
N ARG A 203 -34.71 -6.91 -20.63
CA ARG A 203 -35.89 -7.35 -21.37
C ARG A 203 -36.05 -6.55 -22.66
N THR A 204 -35.08 -5.67 -22.92
CA THR A 204 -34.97 -5.01 -24.21
C THR A 204 -33.47 -4.75 -24.46
N PRO A 205 -32.99 -5.02 -25.69
CA PRO A 205 -31.55 -4.98 -25.94
C PRO A 205 -30.91 -3.61 -25.72
N PRO A 206 -29.80 -3.55 -24.95
CA PRO A 206 -29.10 -2.29 -24.72
C PRO A 206 -28.15 -1.88 -25.84
N LEU A 207 -27.76 -2.82 -26.70
CA LEU A 207 -26.83 -2.54 -27.79
C LEU A 207 -27.49 -2.77 -29.15
N THR A 208 -26.86 -2.23 -30.19
CA THR A 208 -27.35 -2.39 -31.55
C THR A 208 -26.89 -3.74 -32.11
N GLU A 209 -27.49 -4.13 -33.23
CA GLU A 209 -27.17 -5.41 -33.87
C GLU A 209 -25.70 -5.49 -34.28
N ASP A 210 -25.23 -4.45 -34.96
CA ASP A 210 -23.91 -4.46 -35.57
C ASP A 210 -22.84 -3.86 -34.66
N ASP A 211 -23.08 -3.87 -33.35
CA ASP A 211 -22.09 -3.35 -32.41
C ASP A 211 -20.82 -4.19 -32.47
N PRO A 212 -19.65 -3.53 -32.62
CA PRO A 212 -18.39 -4.30 -32.71
C PRO A 212 -18.11 -5.15 -31.46
N LEU A 213 -18.68 -4.78 -30.32
CA LEU A 213 -18.53 -5.54 -29.09
C LEU A 213 -19.11 -6.95 -29.24
N ARG A 214 -20.00 -7.10 -30.21
CA ARG A 214 -20.73 -8.36 -30.38
C ARG A 214 -19.82 -9.55 -30.65
N ASP A 215 -18.73 -9.31 -31.37
CA ASP A 215 -17.78 -10.38 -31.69
C ASP A 215 -17.22 -11.00 -30.42
N TRP A 216 -16.61 -10.16 -29.58
CA TRP A 216 -16.05 -10.61 -28.31
C TRP A 216 -17.16 -11.09 -27.37
N LEU A 217 -18.34 -10.47 -27.48
CA LEU A 217 -19.47 -10.83 -26.62
C LEU A 217 -20.05 -12.18 -26.96
N ASP A 218 -20.36 -12.39 -28.24
CA ASP A 218 -20.90 -13.68 -28.67
C ASP A 218 -19.89 -14.80 -28.39
N ARG A 219 -18.61 -14.51 -28.60
CA ARG A 219 -17.57 -15.48 -28.34
C ARG A 219 -17.50 -15.81 -26.85
N GLY A 220 -17.53 -14.77 -26.02
CA GLY A 220 -17.47 -14.92 -24.58
C GLY A 220 -18.66 -15.69 -24.03
N PHE A 221 -19.86 -15.40 -24.56
CA PHE A 221 -21.07 -16.06 -24.12
C PHE A 221 -21.09 -17.52 -24.57
N ASP A 222 -20.40 -17.80 -25.68
CA ASP A 222 -20.32 -19.14 -26.24
C ASP A 222 -19.26 -20.00 -25.56
N LEU A 223 -18.39 -19.38 -24.77
CA LEU A 223 -17.30 -20.10 -24.13
C LEU A 223 -17.81 -21.22 -23.23
N PHE A 224 -17.11 -22.35 -23.27
CA PHE A 224 -17.41 -23.47 -22.39
C PHE A 224 -18.82 -24.01 -22.59
N ASP A 225 -19.12 -24.38 -23.84
CA ASP A 225 -20.42 -24.95 -24.18
C ASP A 225 -21.56 -23.99 -23.90
N GLY A 226 -21.38 -22.73 -24.25
CA GLY A 226 -22.41 -21.72 -24.07
C GLY A 226 -22.74 -21.47 -22.61
N LEU A 227 -21.74 -21.05 -21.85
CA LEU A 227 -21.92 -20.76 -20.44
C LEU A 227 -22.81 -19.54 -20.24
N GLY A 228 -22.74 -18.61 -21.18
CA GLY A 228 -23.56 -17.41 -21.17
C GLY A 228 -24.79 -17.55 -22.05
N ARG A 229 -25.13 -18.78 -22.40
CA ARG A 229 -26.32 -19.07 -23.20
C ARG A 229 -27.33 -19.86 -22.39
N HIS A 230 -27.72 -19.31 -21.25
CA HIS A 230 -28.77 -19.91 -20.43
C HIS A 230 -30.11 -19.54 -21.04
N PRO A 231 -31.11 -20.44 -20.95
CA PRO A 231 -32.41 -20.15 -21.57
C PRO A 231 -33.04 -18.80 -21.18
N GLY A 232 -32.80 -18.37 -19.95
CA GLY A 232 -33.37 -17.12 -19.47
C GLY A 232 -32.59 -15.88 -19.90
N MET A 233 -31.51 -16.08 -20.64
CA MET A 233 -30.67 -14.97 -21.08
C MET A 233 -31.36 -14.20 -22.21
N ASN A 234 -31.48 -12.89 -22.02
CA ASN A 234 -32.07 -12.02 -23.03
C ASN A 234 -31.01 -11.55 -24.02
N PRO A 235 -31.43 -11.17 -25.24
CA PRO A 235 -30.48 -10.68 -26.25
C PRO A 235 -29.91 -9.30 -25.90
N LEU A 236 -28.59 -9.17 -25.96
CA LEU A 236 -27.95 -7.88 -25.71
C LEU A 236 -28.04 -6.96 -26.92
N PHE A 237 -28.38 -7.54 -28.08
CA PHE A 237 -28.36 -6.80 -29.34
C PHE A 237 -29.74 -6.71 -29.97
N GLY A 238 -30.05 -5.53 -30.51
CA GLY A 238 -31.33 -5.28 -31.13
C GLY A 238 -31.84 -3.87 -30.91
N LEU A 239 -31.07 -3.05 -30.21
CA LEU A 239 -31.43 -1.66 -29.96
C LEU A 239 -31.63 -0.91 -31.28
N LYS A 240 -32.77 -0.23 -31.40
CA LYS A 240 -33.11 0.54 -32.58
C LYS A 240 -33.08 2.04 -32.27
N LEU A 241 -32.22 2.77 -32.97
CA LEU A 241 -31.98 4.18 -32.66
C LEU A 241 -32.82 5.14 -33.49
N ARG A 242 -32.80 6.41 -33.09
CA ARG A 242 -33.53 7.46 -33.78
C ARG A 242 -32.56 8.38 -34.53
N GLU A 243 -33.12 9.32 -35.28
CA GLU A 243 -32.32 10.24 -36.07
C GLU A 243 -31.43 11.10 -35.17
N GLY A 244 -31.99 11.55 -34.06
CA GLY A 244 -31.28 12.44 -33.15
C GLY A 244 -30.38 11.73 -32.16
N ASP A 245 -30.41 10.40 -32.15
CA ASP A 245 -29.57 9.63 -31.24
C ASP A 245 -28.11 9.72 -31.65
N PRO A 246 -27.20 9.52 -30.69
CA PRO A 246 -25.77 9.52 -31.04
C PRO A 246 -25.39 8.28 -31.83
N GLU A 247 -24.31 8.36 -32.60
CA GLU A 247 -23.77 7.17 -33.25
C GLU A 247 -23.36 6.18 -32.16
N PRO A 248 -23.89 4.95 -32.22
CA PRO A 248 -23.60 3.99 -31.14
C PRO A 248 -22.13 3.63 -31.05
N PHE A 249 -21.44 3.61 -32.17
CA PHE A 249 -20.01 3.28 -32.19
C PHE A 249 -19.33 3.92 -33.39
N VAL A 250 -18.01 4.05 -33.30
CA VAL A 250 -17.22 4.61 -34.39
C VAL A 250 -17.16 3.62 -35.55
N ARG A 251 -17.78 3.99 -36.67
CA ARG A 251 -17.72 3.19 -37.88
C ARG A 251 -16.53 3.62 -38.73
N GLN A 252 -15.40 2.95 -38.56
CA GLN A 252 -14.17 3.38 -39.20
C GLN A 252 -13.22 2.25 -39.58
N THR A 253 -12.40 2.51 -40.59
CA THR A 253 -11.38 1.58 -41.07
C THR A 253 -10.25 2.40 -41.68
N GLY A 254 -8.99 1.97 -41.59
CA GLY A 254 -8.53 0.96 -40.65
C GLY A 254 -7.08 0.59 -40.86
N PRO A 255 -6.18 1.60 -40.99
CA PRO A 255 -4.77 1.23 -41.18
C PRO A 255 -4.05 0.91 -39.87
N ARG B 3 29.52 -4.28 -26.71
CA ARG B 3 28.89 -2.96 -26.71
C ARG B 3 28.69 -2.46 -25.28
N ASN B 4 29.46 -3.00 -24.35
CA ASN B 4 29.31 -2.68 -22.93
C ASN B 4 27.87 -2.95 -22.46
N ASN B 5 27.22 -1.91 -21.93
CA ASN B 5 25.86 -2.02 -21.41
C ASN B 5 25.00 -0.87 -21.91
N THR B 6 25.44 -0.27 -23.01
CA THR B 6 24.86 0.99 -23.49
C THR B 6 23.90 0.81 -24.65
N ILE B 7 22.74 1.47 -24.55
CA ILE B 7 21.80 1.59 -25.65
C ILE B 7 21.58 3.07 -25.94
N THR B 8 21.81 3.47 -27.20
CA THR B 8 21.62 4.86 -27.59
C THR B 8 20.14 5.20 -27.56
N LEU B 9 19.82 6.45 -27.24
CA LEU B 9 18.44 6.92 -27.20
C LEU B 9 18.33 8.34 -27.73
N TYR B 10 17.55 8.51 -28.79
CA TYR B 10 17.30 9.84 -29.35
C TYR B 10 16.20 10.52 -28.53
N ASP B 11 16.59 11.59 -27.85
CA ASP B 11 15.73 12.25 -26.88
C ASP B 11 14.93 13.40 -27.51
N LEU B 12 13.90 13.82 -26.79
CA LEU B 12 13.15 15.04 -27.13
C LEU B 12 13.25 15.98 -25.94
N GLN B 13 14.20 16.91 -25.98
CA GLN B 13 14.51 17.74 -24.83
C GLN B 13 14.02 19.16 -24.96
N LEU B 14 13.72 19.77 -23.82
CA LEU B 14 13.42 21.19 -23.74
C LEU B 14 14.72 21.98 -23.62
N GLU B 15 14.61 23.28 -23.42
CA GLU B 15 15.79 24.14 -23.32
C GLU B 15 16.68 23.73 -22.15
N SER B 16 16.05 23.29 -21.07
CA SER B 16 16.77 22.87 -19.87
C SER B 16 17.42 21.49 -20.04
N GLY B 17 17.18 20.85 -21.18
CA GLY B 17 17.69 19.52 -21.42
C GLY B 17 16.75 18.45 -20.87
N CYS B 18 15.64 18.91 -20.30
CA CYS B 18 14.65 18.01 -19.70
C CYS B 18 13.77 17.37 -20.76
N THR B 19 13.53 16.07 -20.62
CA THR B 19 12.68 15.33 -21.56
C THR B 19 11.23 15.79 -21.44
N ILE B 20 10.58 16.04 -22.58
CA ILE B 20 9.20 16.49 -22.60
C ILE B 20 8.26 15.37 -23.05
N SER B 21 8.63 14.68 -24.13
CA SER B 21 7.77 13.68 -24.73
C SER B 21 7.49 12.52 -23.77
N PRO B 22 6.20 12.19 -23.54
CA PRO B 22 5.91 11.06 -22.67
C PRO B 22 6.37 9.74 -23.27
N TYR B 23 6.40 9.66 -24.60
CA TYR B 23 6.84 8.46 -25.29
C TYR B 23 8.32 8.21 -25.03
N VAL B 24 9.10 9.29 -24.96
CA VAL B 24 10.52 9.18 -24.65
C VAL B 24 10.72 8.89 -23.17
N TRP B 25 9.89 9.49 -22.33
CA TRP B 25 9.96 9.27 -20.89
C TRP B 25 9.82 7.79 -20.52
N ARG B 26 8.82 7.13 -21.06
CA ARG B 26 8.58 5.73 -20.70
C ARG B 26 9.64 4.84 -21.35
N THR B 27 10.30 5.34 -22.39
CA THR B 27 11.40 4.62 -23.01
C THR B 27 12.64 4.69 -22.12
N LYS B 28 12.91 5.87 -21.58
CA LYS B 28 13.99 6.03 -20.61
C LYS B 28 13.79 5.07 -19.43
N TYR B 29 12.60 5.13 -18.83
CA TYR B 29 12.27 4.27 -17.70
C TYR B 29 12.36 2.80 -18.08
N ALA B 30 11.91 2.46 -19.28
CA ALA B 30 11.94 1.09 -19.75
C ALA B 30 13.39 0.63 -19.90
N LEU B 31 14.25 1.53 -20.36
CA LEU B 31 15.66 1.20 -20.56
C LEU B 31 16.39 1.03 -19.22
N LYS B 32 16.15 1.95 -18.30
CA LYS B 32 16.75 1.85 -16.97
C LYS B 32 16.20 0.62 -16.24
N HIS B 33 14.93 0.33 -16.46
CA HIS B 33 14.30 -0.85 -15.88
C HIS B 33 15.00 -2.13 -16.34
N LYS B 34 15.46 -2.13 -17.58
CA LYS B 34 16.18 -3.27 -18.14
C LYS B 34 17.62 -3.31 -17.64
N GLY B 35 18.06 -2.22 -17.00
CA GLY B 35 19.41 -2.15 -16.43
C GLY B 35 20.42 -1.61 -17.41
N PHE B 36 19.94 -1.06 -18.53
CA PHE B 36 20.82 -0.53 -19.55
C PHE B 36 21.31 0.87 -19.21
N ASP B 37 22.51 1.20 -19.67
CA ASP B 37 23.01 2.56 -19.66
C ASP B 37 22.53 3.23 -20.93
N ILE B 38 22.23 4.53 -20.85
CA ILE B 38 21.65 5.25 -21.99
C ILE B 38 22.62 6.29 -22.52
N ASP B 39 23.03 6.12 -23.78
CA ASP B 39 23.73 7.16 -24.50
C ASP B 39 22.70 8.11 -25.10
N ILE B 40 22.45 9.21 -24.39
CA ILE B 40 21.40 10.15 -24.81
C ILE B 40 21.88 11.05 -25.94
N VAL B 41 21.15 11.00 -27.05
CA VAL B 41 21.36 11.93 -28.15
C VAL B 41 20.40 13.11 -27.96
N PRO B 42 20.91 14.26 -27.51
CA PRO B 42 20.02 15.38 -27.21
C PRO B 42 19.43 16.00 -28.48
N GLY B 43 18.53 16.97 -28.30
CA GLY B 43 17.87 17.63 -29.40
C GLY B 43 16.42 17.88 -29.08
N GLY B 44 15.71 18.50 -30.02
CA GLY B 44 14.32 18.86 -29.81
C GLY B 44 13.41 18.42 -30.96
N PHE B 45 12.34 19.18 -31.15
CA PHE B 45 11.33 18.86 -32.17
C PHE B 45 11.86 18.99 -33.60
N THR B 46 12.68 20.01 -33.83
CA THR B 46 13.22 20.27 -35.16
C THR B 46 14.50 19.47 -35.40
N GLY B 47 14.67 18.97 -36.62
CA GLY B 47 15.89 18.31 -37.02
C GLY B 47 16.00 16.85 -36.63
N ILE B 48 14.88 16.23 -36.27
CA ILE B 48 14.88 14.83 -35.89
C ILE B 48 15.34 13.94 -37.05
N LEU B 49 14.92 14.30 -38.27
CA LEU B 49 15.33 13.57 -39.46
C LEU B 49 16.85 13.65 -39.65
N GLU B 50 17.40 14.82 -39.38
CA GLU B 50 18.84 15.06 -39.51
C GLU B 50 19.64 14.32 -38.43
N ARG B 51 19.18 14.36 -37.19
CA ARG B 51 19.89 13.73 -36.08
C ARG B 51 19.89 12.21 -36.24
N THR B 52 18.76 11.65 -36.66
CA THR B 52 18.71 10.25 -37.04
C THR B 52 19.41 10.09 -38.39
N GLY B 53 19.57 8.86 -38.85
CA GLY B 53 20.21 8.62 -40.13
C GLY B 53 19.22 8.83 -41.27
N GLY B 54 18.40 9.86 -41.16
CA GLY B 54 17.25 10.00 -42.04
C GLY B 54 16.34 8.81 -41.87
N ARG B 55 16.40 8.21 -40.68
CA ARG B 55 15.72 6.96 -40.40
C ARG B 55 14.37 7.16 -39.72
N SER B 56 14.15 8.36 -39.18
CA SER B 56 12.90 8.66 -38.49
C SER B 56 12.65 10.16 -38.39
N GLU B 57 11.38 10.51 -38.37
CA GLU B 57 10.95 11.90 -38.21
C GLU B 57 10.41 12.11 -36.79
N ARG B 58 10.30 11.02 -36.05
CA ARG B 58 9.77 11.04 -34.69
C ARG B 58 10.68 10.28 -33.72
N VAL B 59 10.76 10.77 -32.50
CA VAL B 59 11.45 10.09 -31.40
C VAL B 59 10.40 9.72 -30.36
N PRO B 60 10.68 8.72 -29.51
CA PRO B 60 11.95 8.04 -29.26
C PRO B 60 12.43 7.10 -30.35
N VAL B 61 13.74 6.99 -30.45
CA VAL B 61 14.41 6.03 -31.30
C VAL B 61 15.66 5.55 -30.57
N ILE B 62 15.79 4.24 -30.37
CA ILE B 62 16.99 3.70 -29.76
C ILE B 62 17.85 3.00 -30.82
N VAL B 63 19.15 2.92 -30.54
CA VAL B 63 20.09 2.23 -31.41
C VAL B 63 20.87 1.21 -30.60
N ASP B 64 20.42 -0.04 -30.65
CA ASP B 64 21.06 -1.12 -29.91
C ASP B 64 22.00 -1.88 -30.84
N ASP B 65 23.28 -1.88 -30.50
CA ASP B 65 24.34 -2.33 -31.40
C ASP B 65 24.22 -1.58 -32.70
N GLY B 66 23.46 -2.14 -33.64
CA GLY B 66 23.15 -1.47 -34.88
C GLY B 66 21.66 -1.47 -35.16
N GLU B 67 20.91 -2.14 -34.30
CA GLU B 67 19.46 -2.23 -34.45
C GLU B 67 18.78 -0.93 -34.06
N TRP B 68 18.25 -0.22 -35.05
CA TRP B 68 17.43 0.96 -34.80
C TRP B 68 16.01 0.52 -34.47
N VAL B 69 15.54 0.92 -33.29
CA VAL B 69 14.18 0.57 -32.88
C VAL B 69 13.35 1.83 -32.69
N LEU B 70 12.24 1.91 -33.44
CA LEU B 70 11.38 3.09 -33.45
C LEU B 70 10.09 2.81 -32.69
N ASP B 71 9.49 3.88 -32.16
CA ASP B 71 8.20 3.81 -31.43
C ASP B 71 8.36 3.20 -30.05
N SER B 72 8.02 3.98 -29.02
CA SER B 72 8.21 3.59 -27.63
C SER B 72 7.60 2.23 -27.28
N TRP B 73 6.39 1.97 -27.80
CA TRP B 73 5.72 0.70 -27.54
C TRP B 73 6.52 -0.45 -28.15
N VAL B 74 6.92 -0.29 -29.40
CA VAL B 74 7.70 -1.31 -30.10
C VAL B 74 9.06 -1.52 -29.42
N ILE B 75 9.63 -0.43 -28.91
CA ILE B 75 10.90 -0.50 -28.21
C ILE B 75 10.78 -1.36 -26.96
N ALA B 76 9.75 -1.12 -26.16
CA ALA B 76 9.52 -1.88 -24.94
C ALA B 76 9.39 -3.37 -25.24
N GLU B 77 8.59 -3.69 -26.26
CA GLU B 77 8.43 -5.08 -26.68
C GLU B 77 9.74 -5.66 -27.19
N TYR B 78 10.49 -4.83 -27.91
CA TYR B 78 11.80 -5.24 -28.44
C TYR B 78 12.75 -5.58 -27.30
N LEU B 79 12.70 -4.79 -26.23
CA LEU B 79 13.56 -5.02 -25.07
C LEU B 79 13.15 -6.30 -24.35
N ASP B 80 11.84 -6.55 -24.28
CA ASP B 80 11.34 -7.78 -23.70
C ASP B 80 11.69 -8.98 -24.58
N GLU B 81 11.60 -8.78 -25.89
CA GLU B 81 11.86 -9.83 -26.85
C GLU B 81 13.34 -10.22 -26.88
N LYS B 82 14.21 -9.23 -26.98
CA LYS B 82 15.65 -9.48 -27.13
C LYS B 82 16.35 -9.72 -25.80
N TYR B 83 15.84 -9.12 -24.72
CA TYR B 83 16.46 -9.25 -23.41
C TYR B 83 15.51 -9.81 -22.36
N PRO B 84 15.11 -11.09 -22.54
CA PRO B 84 14.25 -11.75 -21.54
C PRO B 84 14.99 -12.03 -20.24
N ASP B 85 16.32 -11.91 -20.26
CA ASP B 85 17.15 -12.15 -19.08
C ASP B 85 17.12 -10.95 -18.14
N ARG B 86 16.82 -9.77 -18.69
CA ARG B 86 16.69 -8.57 -17.90
C ARG B 86 15.22 -8.39 -17.51
N PRO B 87 14.94 -7.67 -16.40
CA PRO B 87 13.59 -7.53 -15.87
C PRO B 87 12.55 -7.16 -16.93
N MET B 88 11.40 -7.84 -16.88
CA MET B 88 10.38 -7.70 -17.91
C MET B 88 9.64 -6.39 -17.81
N LEU B 89 9.15 -5.93 -18.95
CA LEU B 89 8.35 -4.71 -19.06
C LEU B 89 6.87 -5.04 -19.08
N PHE B 90 6.52 -6.09 -19.82
CA PHE B 90 5.17 -6.63 -19.82
C PHE B 90 5.18 -8.02 -19.20
N GLU B 91 4.10 -8.38 -18.52
CA GLU B 91 3.98 -9.69 -17.90
C GLU B 91 3.16 -10.63 -18.78
N GLY B 92 2.76 -10.13 -19.96
CA GLY B 92 2.03 -10.94 -20.92
C GLY B 92 1.06 -10.10 -21.74
N PRO B 93 0.26 -10.75 -22.59
CA PRO B 93 -0.67 -10.03 -23.47
C PRO B 93 -1.73 -9.22 -22.71
N THR B 94 -2.18 -9.75 -21.57
CA THR B 94 -3.27 -9.12 -20.83
C THR B 94 -2.85 -7.74 -20.33
N GLN B 95 -1.62 -7.62 -19.88
CA GLN B 95 -1.13 -6.32 -19.42
C GLN B 95 -1.18 -5.32 -20.56
N LYS B 96 -0.72 -5.74 -21.73
CA LYS B 96 -0.66 -4.84 -22.89
C LYS B 96 -2.02 -4.26 -23.23
N ASN B 97 -3.03 -5.13 -23.34
CA ASN B 97 -4.38 -4.69 -23.68
C ASN B 97 -5.00 -3.76 -22.63
N LEU B 98 -4.86 -4.12 -21.36
CA LEU B 98 -5.40 -3.31 -20.27
C LEU B 98 -4.56 -2.04 -20.08
N MET B 99 -3.27 -2.13 -20.37
CA MET B 99 -2.39 -0.96 -20.35
C MET B 99 -2.91 0.10 -21.33
N LYS B 100 -3.18 -0.33 -22.55
CA LYS B 100 -3.64 0.56 -23.60
C LYS B 100 -4.91 1.26 -23.15
N PHE B 101 -5.76 0.51 -22.45
CA PHE B 101 -7.01 1.07 -21.94
C PHE B 101 -6.73 2.17 -20.91
N LEU B 102 -5.84 1.87 -19.97
CA LEU B 102 -5.48 2.84 -18.94
C LEU B 102 -4.82 4.08 -19.56
N ASP B 103 -3.82 3.84 -20.40
CA ASP B 103 -3.12 4.92 -21.09
C ASP B 103 -4.08 5.78 -21.90
N ASN B 104 -5.03 5.14 -22.59
CA ASN B 104 -6.03 5.86 -23.36
C ASN B 104 -6.87 6.76 -22.47
N TRP B 105 -7.26 6.23 -21.32
CA TRP B 105 -8.06 6.98 -20.36
C TRP B 105 -7.24 8.14 -19.78
N LEU B 106 -5.97 7.88 -19.52
CA LEU B 106 -5.10 8.91 -18.96
C LEU B 106 -4.86 10.05 -19.94
N TRP B 107 -4.76 9.72 -21.22
CA TRP B 107 -4.56 10.72 -22.25
C TRP B 107 -5.83 11.52 -22.52
N SER B 108 -6.98 10.87 -22.37
CA SER B 108 -8.26 11.55 -22.53
C SER B 108 -8.57 12.42 -21.31
N THR B 109 -8.19 11.95 -20.14
CA THR B 109 -8.54 12.61 -18.89
C THR B 109 -7.50 13.63 -18.43
N ALA B 110 -6.21 13.29 -18.57
CA ALA B 110 -5.13 14.13 -18.03
C ALA B 110 -4.44 14.95 -19.12
N VAL B 111 -3.92 14.27 -20.14
CA VAL B 111 -3.09 14.92 -21.14
C VAL B 111 -3.88 15.97 -21.92
N GLY B 112 -5.08 15.61 -22.35
CA GLY B 112 -5.92 16.50 -23.13
C GLY B 112 -6.11 17.86 -22.47
N PRO B 113 -6.79 17.89 -21.32
CA PRO B 113 -6.98 19.13 -20.55
C PRO B 113 -5.68 19.84 -20.19
N TRP B 114 -4.68 19.10 -19.74
CA TRP B 114 -3.41 19.69 -19.34
C TRP B 114 -2.60 20.18 -20.54
N PHE B 115 -2.82 19.57 -21.70
CA PHE B 115 -2.17 20.03 -22.93
C PHE B 115 -2.60 21.46 -23.21
N ARG B 116 -3.90 21.71 -23.15
CA ARG B 116 -4.44 23.04 -23.41
C ARG B 116 -3.98 24.02 -22.33
N CYS B 117 -3.78 23.52 -21.12
CA CYS B 117 -3.45 24.39 -19.98
C CYS B 117 -1.97 24.76 -19.90
N TYR B 118 -1.13 24.04 -20.63
CA TYR B 118 0.31 24.26 -20.54
C TYR B 118 0.99 24.41 -21.90
N ILE B 119 0.18 24.62 -22.94
CA ILE B 119 0.70 24.67 -24.31
C ILE B 119 1.61 25.88 -24.56
N LEU B 120 1.32 27.00 -23.91
CA LEU B 120 2.16 28.18 -24.06
C LEU B 120 3.46 28.01 -23.29
N ASP B 121 3.40 27.33 -22.15
CA ASP B 121 4.60 27.01 -21.38
C ASP B 121 5.44 25.97 -22.12
N TYR B 122 4.77 24.91 -22.53
CA TYR B 122 5.30 23.93 -23.49
C TYR B 122 6.12 24.64 -24.55
N HIS B 123 5.53 25.66 -25.17
CA HIS B 123 6.19 26.43 -26.21
C HIS B 123 7.36 27.24 -25.67
N ASP B 124 7.12 27.97 -24.58
CA ASP B 124 8.13 28.85 -24.00
C ASP B 124 9.34 28.10 -23.45
N LEU B 125 9.12 26.85 -23.04
CA LEU B 125 10.17 26.06 -22.41
C LEU B 125 10.99 25.26 -23.42
N SER B 126 10.48 25.10 -24.63
CA SER B 126 11.19 24.34 -25.67
C SER B 126 12.44 25.10 -26.13
N LEU B 127 13.30 24.39 -26.86
CA LEU B 127 14.53 24.97 -27.37
C LEU B 127 14.25 26.18 -28.26
N PRO B 128 15.14 27.18 -28.26
CA PRO B 128 14.91 28.38 -29.07
C PRO B 128 14.75 28.08 -30.56
N GLN B 129 15.39 27.01 -31.03
CA GLN B 129 15.29 26.64 -32.44
C GLN B 129 14.06 25.76 -32.71
N ASP B 130 13.16 25.69 -31.73
CA ASP B 130 11.96 24.86 -31.82
C ASP B 130 10.68 25.66 -31.60
N ARG B 131 10.82 26.84 -31.01
CA ARG B 131 9.67 27.61 -30.57
C ARG B 131 8.69 27.89 -31.71
N ASP B 132 9.19 28.49 -32.79
CA ASP B 132 8.34 28.82 -33.92
C ASP B 132 7.71 27.58 -34.55
N TYR B 133 8.47 26.49 -34.62
CA TYR B 133 7.95 25.23 -35.13
C TYR B 133 6.82 24.72 -34.23
N VAL B 134 7.09 24.61 -32.94
CA VAL B 134 6.08 24.21 -31.97
C VAL B 134 4.88 25.15 -32.03
N ARG B 135 5.17 26.45 -32.19
CA ARG B 135 4.13 27.45 -32.39
C ARG B 135 3.30 27.11 -33.63
N TRP B 136 3.95 27.10 -34.79
CA TRP B 136 3.27 26.86 -36.06
C TRP B 136 2.64 25.48 -36.12
N SER B 137 3.29 24.50 -35.52
CA SER B 137 2.84 23.12 -35.58
C SER B 137 1.60 22.89 -34.72
N ARG B 138 1.69 23.23 -33.44
CA ARG B 138 0.61 22.94 -32.51
C ARG B 138 -0.63 23.79 -32.77
N GLU B 139 -0.47 24.91 -33.47
CA GLU B 139 -1.59 25.78 -33.77
C GLU B 139 -2.40 25.26 -34.96
N GLN B 140 -1.73 24.66 -35.93
CA GLN B 140 -2.38 24.17 -37.14
C GLN B 140 -2.89 22.72 -37.01
N TRP B 141 -2.51 22.05 -35.92
CA TRP B 141 -2.73 20.61 -35.77
C TRP B 141 -3.67 20.26 -34.63
N PHE B 142 -3.31 20.65 -33.41
CA PHE B 142 -4.06 20.24 -32.24
C PHE B 142 -5.11 21.27 -31.89
N LEU B 143 -5.66 21.87 -32.95
CA LEU B 143 -6.80 22.78 -32.91
C LEU B 143 -7.72 22.68 -31.67
N GLY B 144 -7.50 23.41 -30.58
CA GLY B 144 -6.35 24.24 -30.24
C GLY B 144 -5.23 24.61 -31.21
N GLY B 145 -5.49 25.50 -32.16
CA GLY B 145 -6.79 26.11 -32.39
C GLY B 145 -6.60 27.55 -32.77
N GLN B 146 -6.76 28.40 -31.77
CA GLN B 146 -6.42 29.80 -31.88
C GLN B 146 -4.92 29.84 -31.64
N ARG B 147 -4.38 31.00 -31.31
CA ARG B 147 -2.98 31.05 -30.94
C ARG B 147 -2.80 30.38 -29.58
N LEU B 148 -1.56 29.96 -29.28
CA LEU B 148 -1.28 29.20 -28.07
C LEU B 148 -1.76 29.95 -26.82
N GLU B 149 -1.66 31.27 -26.87
CA GLU B 149 -2.07 32.11 -25.76
C GLU B 149 -3.56 31.92 -25.45
N ASP B 150 -4.38 31.90 -26.49
CA ASP B 150 -5.82 31.81 -26.33
C ASP B 150 -6.24 30.47 -25.76
N VAL B 151 -5.48 29.42 -26.07
CA VAL B 151 -5.77 28.09 -25.59
C VAL B 151 -5.44 27.98 -24.10
N GLN B 152 -4.25 28.44 -23.73
CA GLN B 152 -3.81 28.36 -22.34
C GLN B 152 -4.52 29.40 -21.48
N ALA B 153 -5.11 30.40 -22.13
CA ALA B 153 -5.87 31.42 -21.41
C ALA B 153 -7.01 30.79 -20.62
N GLY B 154 -7.09 31.13 -19.34
CA GLY B 154 -8.16 30.64 -18.49
C GLY B 154 -7.91 29.26 -17.95
N ARG B 155 -6.63 28.88 -17.84
CA ARG B 155 -6.27 27.58 -17.29
C ARG B 155 -6.49 27.58 -15.77
N GLU B 156 -6.54 28.77 -15.19
CA GLU B 156 -6.79 28.92 -13.76
C GLU B 156 -8.20 28.44 -13.43
N ASP B 157 -9.08 28.49 -14.43
CA ASP B 157 -10.45 28.01 -14.29
C ASP B 157 -10.57 26.54 -14.68
N ARG B 158 -9.65 26.07 -15.52
CA ARG B 158 -9.71 24.71 -16.04
C ARG B 158 -8.93 23.69 -15.23
N LEU B 159 -7.81 24.12 -14.65
CA LEU B 159 -6.92 23.20 -13.93
C LEU B 159 -7.58 22.57 -12.71
N PRO B 160 -8.29 23.37 -11.89
CA PRO B 160 -8.97 22.80 -10.72
C PRO B 160 -10.00 21.72 -11.05
N LEU B 161 -10.43 21.63 -12.30
CA LEU B 161 -11.46 20.68 -12.70
C LEU B 161 -10.91 19.31 -13.04
N VAL B 162 -9.59 19.20 -13.16
CA VAL B 162 -8.96 17.95 -13.60
C VAL B 162 -8.77 16.92 -12.47
N PRO B 163 -8.23 17.35 -11.31
CA PRO B 163 -7.93 16.40 -10.23
C PRO B 163 -9.09 15.48 -9.86
N PRO B 164 -10.33 16.01 -9.74
CA PRO B 164 -11.44 15.13 -9.35
C PRO B 164 -11.68 14.00 -10.33
N THR B 165 -11.42 14.25 -11.62
CA THR B 165 -11.65 13.27 -12.67
C THR B 165 -10.56 12.20 -12.68
N LEU B 166 -9.51 12.40 -11.90
CA LEU B 166 -8.42 11.43 -11.81
C LEU B 166 -8.69 10.39 -10.73
N GLU B 167 -9.85 10.48 -10.08
CA GLU B 167 -10.16 9.61 -8.95
C GLU B 167 -10.17 8.13 -9.33
N PRO B 168 -10.70 7.78 -10.52
CA PRO B 168 -10.68 6.36 -10.91
C PRO B 168 -9.27 5.77 -10.94
N PHE B 169 -8.27 6.63 -11.11
CA PHE B 169 -6.88 6.19 -11.14
C PHE B 169 -6.32 6.09 -9.72
N ARG B 170 -6.67 7.04 -8.87
CA ARG B 170 -6.27 7.02 -7.47
C ARG B 170 -6.77 5.76 -6.77
N ARG B 171 -7.98 5.35 -7.16
CA ARG B 171 -8.64 4.19 -6.56
C ARG B 171 -7.79 2.94 -6.68
N ILE B 172 -7.05 2.83 -7.78
CA ILE B 172 -6.20 1.67 -8.02
C ILE B 172 -4.91 1.80 -7.21
N LEU B 173 -4.35 3.00 -7.19
CA LEU B 173 -3.08 3.25 -6.52
C LEU B 173 -3.21 3.27 -5.00
N ALA B 174 -4.44 3.37 -4.52
CA ALA B 174 -4.69 3.34 -3.08
C ALA B 174 -4.61 1.92 -2.53
N GLU B 175 -4.54 0.94 -3.44
CA GLU B 175 -4.51 -0.47 -3.05
C GLU B 175 -3.34 -1.21 -3.68
N THR B 176 -2.38 -0.46 -4.22
CA THR B 176 -1.16 -1.07 -4.75
C THR B 176 0.02 -0.10 -4.65
N LYS B 177 1.21 -0.66 -4.45
CA LYS B 177 2.43 0.14 -4.38
C LYS B 177 2.75 0.66 -5.77
N TRP B 178 2.82 -0.26 -6.73
CA TRP B 178 2.98 0.07 -8.14
C TRP B 178 1.86 -0.59 -8.93
N LEU B 179 1.65 -0.16 -10.17
CA LEU B 179 0.68 -0.81 -11.04
C LEU B 179 1.10 -2.24 -11.33
N GLY B 180 2.40 -2.50 -11.23
CA GLY B 180 2.95 -3.82 -11.49
C GLY B 180 3.24 -4.64 -10.24
N GLY B 181 2.51 -4.36 -9.17
CA GLY B 181 2.65 -5.11 -7.93
C GLY B 181 3.56 -4.43 -6.93
N ASP B 182 4.56 -5.18 -6.45
CA ASP B 182 5.54 -4.64 -5.51
C ASP B 182 6.66 -3.91 -6.24
N GLN B 183 6.85 -4.26 -7.52
CA GLN B 183 7.85 -3.63 -8.37
C GLN B 183 7.19 -3.02 -9.59
N PRO B 184 7.66 -1.85 -10.04
CA PRO B 184 7.05 -1.23 -11.22
C PRO B 184 7.47 -1.90 -12.51
N ASN B 185 6.67 -1.70 -13.56
CA ASN B 185 7.05 -2.13 -14.91
C ASN B 185 6.56 -1.09 -15.92
N PHE B 186 6.40 -1.49 -17.17
CA PHE B 186 6.05 -0.53 -18.22
C PHE B 186 4.66 0.05 -18.01
N ALA B 187 3.80 -0.67 -17.31
CA ALA B 187 2.48 -0.15 -16.95
C ALA B 187 2.61 1.12 -16.11
N ASP B 188 3.52 1.07 -15.13
CA ASP B 188 3.79 2.22 -14.29
C ASP B 188 4.42 3.35 -15.10
N TYR B 189 5.44 2.99 -15.89
CA TYR B 189 6.20 3.96 -16.66
C TYR B 189 5.32 4.64 -17.70
N SER B 190 4.43 3.86 -18.31
CA SER B 190 3.54 4.37 -19.34
C SER B 190 2.56 5.38 -18.75
N ALA B 191 2.03 5.05 -17.58
CA ALA B 191 1.13 5.96 -16.87
C ALA B 191 1.90 7.15 -16.31
N LEU B 192 3.09 6.90 -15.80
CA LEU B 192 3.93 7.95 -15.21
C LEU B 192 4.33 8.99 -16.26
N ALA B 193 4.45 8.54 -17.51
CA ALA B 193 4.90 9.39 -18.61
C ALA B 193 3.98 10.59 -18.83
N VAL B 194 2.69 10.38 -18.65
CA VAL B 194 1.71 11.46 -18.71
C VAL B 194 2.08 12.56 -17.72
N PHE B 195 2.45 12.16 -16.51
CA PHE B 195 2.75 13.11 -15.43
C PHE B 195 4.18 13.64 -15.55
N LEU B 196 5.06 12.85 -16.14
CA LEU B 196 6.42 13.30 -16.43
C LEU B 196 6.37 14.39 -17.49
N TRP B 197 5.51 14.20 -18.49
CA TRP B 197 5.32 15.20 -19.53
C TRP B 197 4.76 16.49 -18.94
N THR B 198 3.71 16.35 -18.14
CA THR B 198 3.09 17.50 -17.49
C THR B 198 4.12 18.29 -16.69
N ALA B 199 4.90 17.58 -15.88
CA ALA B 199 5.87 18.22 -14.99
C ALA B 199 6.93 19.00 -15.77
N SER B 200 7.24 18.54 -16.97
CA SER B 200 8.29 19.19 -17.78
C SER B 200 7.82 20.52 -18.35
N VAL B 201 6.51 20.73 -18.43
CA VAL B 201 5.94 21.93 -19.04
C VAL B 201 5.07 22.76 -18.10
N ALA B 202 4.61 22.15 -17.01
CA ALA B 202 3.68 22.82 -16.10
C ALA B 202 4.35 23.92 -15.27
N ARG B 203 4.27 25.15 -15.74
CA ARG B 203 4.82 26.29 -15.00
C ARG B 203 3.89 26.74 -13.87
N THR B 204 2.77 26.04 -13.72
CA THR B 204 1.94 26.18 -12.52
C THR B 204 1.43 24.79 -12.14
N PRO B 205 1.48 24.43 -10.85
CA PRO B 205 1.17 23.04 -10.46
C PRO B 205 -0.26 22.61 -10.77
N PRO B 206 -0.43 21.42 -11.39
CA PRO B 206 -1.77 20.91 -11.69
C PRO B 206 -2.44 20.17 -10.52
N LEU B 207 -1.66 19.75 -9.53
CA LEU B 207 -2.20 18.97 -8.42
C LEU B 207 -1.98 19.68 -7.09
N THR B 208 -2.76 19.30 -6.08
CA THR B 208 -2.61 19.85 -4.74
C THR B 208 -1.48 19.13 -4.01
N GLU B 209 -0.94 19.78 -2.99
CA GLU B 209 0.17 19.23 -2.21
C GLU B 209 -0.20 17.89 -1.58
N ASP B 210 -1.48 17.71 -1.25
CA ASP B 210 -1.94 16.55 -0.50
C ASP B 210 -2.59 15.47 -1.38
N ASP B 211 -2.42 15.58 -2.70
CA ASP B 211 -3.05 14.64 -3.62
C ASP B 211 -2.53 13.22 -3.39
N PRO B 212 -3.43 12.26 -3.15
CA PRO B 212 -3.04 10.86 -2.93
C PRO B 212 -2.14 10.27 -4.02
N LEU B 213 -2.20 10.82 -5.22
CA LEU B 213 -1.33 10.37 -6.31
C LEU B 213 0.15 10.62 -6.00
N ARG B 214 0.39 11.62 -5.16
CA ARG B 214 1.75 12.11 -4.90
C ARG B 214 2.72 10.99 -4.52
N ASP B 215 2.26 10.07 -3.68
CA ASP B 215 3.09 8.96 -3.21
C ASP B 215 3.65 8.13 -4.36
N TRP B 216 2.77 7.72 -5.28
CA TRP B 216 3.18 6.94 -6.44
C TRP B 216 4.01 7.79 -7.40
N LEU B 217 3.63 9.06 -7.52
CA LEU B 217 4.32 9.98 -8.42
C LEU B 217 5.75 10.27 -7.96
N ASP B 218 5.91 10.62 -6.69
CA ASP B 218 7.24 10.94 -6.16
C ASP B 218 8.18 9.74 -6.25
N ARG B 219 7.70 8.58 -5.81
CA ARG B 219 8.48 7.35 -5.90
C ARG B 219 8.82 7.05 -7.35
N GLY B 220 7.89 7.35 -8.25
CA GLY B 220 8.08 7.13 -9.67
C GLY B 220 9.11 8.07 -10.28
N PHE B 221 9.01 9.35 -9.97
CA PHE B 221 9.96 10.34 -10.45
C PHE B 221 11.36 10.08 -9.92
N ASP B 222 11.43 9.46 -8.74
CA ASP B 222 12.71 9.19 -8.09
C ASP B 222 13.38 7.94 -8.64
N LEU B 223 12.61 7.06 -9.28
CA LEU B 223 13.15 5.79 -9.78
C LEU B 223 14.41 5.98 -10.61
N PHE B 224 15.33 5.02 -10.48
CA PHE B 224 16.53 4.99 -11.29
C PHE B 224 17.34 6.28 -11.16
N ASP B 225 17.70 6.62 -9.92
CA ASP B 225 18.52 7.79 -9.62
C ASP B 225 17.86 9.10 -10.06
N GLY B 226 16.60 9.28 -9.67
CA GLY B 226 15.88 10.51 -9.94
C GLY B 226 15.74 10.78 -11.42
N LEU B 227 15.31 9.75 -12.16
CA LEU B 227 15.14 9.86 -13.60
C LEU B 227 14.13 10.96 -13.94
N GLY B 228 13.14 11.13 -13.06
CA GLY B 228 12.12 12.15 -13.24
C GLY B 228 12.43 13.42 -12.46
N ARG B 229 13.67 13.55 -11.99
CA ARG B 229 14.10 14.69 -11.19
C ARG B 229 15.15 15.52 -11.91
N HIS B 230 14.98 15.68 -13.22
CA HIS B 230 15.88 16.51 -14.00
C HIS B 230 15.77 17.97 -13.55
N PRO B 231 16.89 18.71 -13.53
CA PRO B 231 16.89 20.12 -13.12
C PRO B 231 15.82 21.01 -13.78
N GLY B 232 15.25 20.56 -14.89
CA GLY B 232 14.29 21.34 -15.65
C GLY B 232 12.84 21.15 -15.22
N MET B 233 12.57 20.07 -14.48
CA MET B 233 11.20 19.70 -14.12
C MET B 233 10.53 20.76 -13.27
N ASN B 234 9.20 20.77 -13.28
CA ASN B 234 8.41 21.65 -12.43
C ASN B 234 7.60 20.82 -11.45
N PRO B 235 7.33 21.36 -10.25
CA PRO B 235 6.52 20.60 -9.29
C PRO B 235 5.12 20.35 -9.81
N LEU B 236 4.67 19.10 -9.73
CA LEU B 236 3.30 18.76 -10.11
C LEU B 236 2.33 19.21 -9.02
N PHE B 237 2.86 19.55 -7.86
CA PHE B 237 2.06 19.82 -6.67
C PHE B 237 2.22 21.25 -6.18
N GLY B 238 1.10 21.87 -5.81
CA GLY B 238 1.09 23.25 -5.36
C GLY B 238 -0.15 24.00 -5.80
N LEU B 239 -1.07 23.32 -6.49
CA LEU B 239 -2.31 23.92 -6.96
C LEU B 239 -3.09 24.55 -5.81
N LYS B 240 -3.28 25.86 -5.90
CA LYS B 240 -4.06 26.59 -4.91
C LYS B 240 -5.53 26.65 -5.33
N LEU B 241 -6.39 25.96 -4.57
CA LEU B 241 -7.81 25.93 -4.88
C LEU B 241 -8.52 27.12 -4.28
N ARG B 242 -9.62 27.52 -4.92
CA ARG B 242 -10.38 28.69 -4.51
C ARG B 242 -11.74 28.25 -3.98
N GLU B 243 -12.46 29.18 -3.36
CA GLU B 243 -13.76 28.90 -2.74
C GLU B 243 -14.71 28.13 -3.65
N GLY B 244 -14.67 28.41 -4.94
CA GLY B 244 -15.60 27.80 -5.89
C GLY B 244 -15.10 26.51 -6.50
N ASP B 245 -13.80 26.27 -6.45
CA ASP B 245 -13.20 25.08 -7.06
C ASP B 245 -13.71 23.80 -6.39
N PRO B 246 -13.82 22.72 -7.17
CA PRO B 246 -14.33 21.44 -6.63
C PRO B 246 -13.33 20.77 -5.70
N GLU B 247 -13.77 19.71 -5.03
CA GLU B 247 -12.88 18.91 -4.20
C GLU B 247 -12.05 17.99 -5.10
N PRO B 248 -10.71 18.09 -5.02
CA PRO B 248 -9.85 17.40 -6.00
C PRO B 248 -9.79 15.88 -5.84
N PHE B 249 -10.14 15.35 -4.67
CA PHE B 249 -10.09 13.90 -4.47
C PHE B 249 -10.86 13.45 -3.24
N VAL B 250 -11.33 12.21 -3.27
CA VAL B 250 -12.03 11.62 -2.14
C VAL B 250 -11.06 11.46 -0.97
N ARG B 251 -11.51 11.80 0.22
CA ARG B 251 -10.64 11.85 1.39
C ARG B 251 -10.87 10.65 2.32
N GLN B 252 -11.86 9.83 1.99
CA GLN B 252 -12.12 8.61 2.75
C GLN B 252 -10.92 7.67 2.64
N ASN C 4 2.64 -36.70 8.75
CA ASN C 4 1.84 -36.04 9.76
C ASN C 4 1.72 -36.91 11.01
N ASN C 5 1.68 -36.32 12.21
CA ASN C 5 1.77 -34.88 12.43
C ASN C 5 3.22 -34.41 12.40
N THR C 6 3.62 -33.82 11.27
CA THR C 6 5.02 -33.53 11.03
C THR C 6 5.20 -32.61 9.82
N ILE C 7 6.10 -31.65 9.96
CA ILE C 7 6.45 -30.74 8.86
C ILE C 7 7.96 -30.71 8.68
N THR C 8 8.41 -30.95 7.45
CA THR C 8 9.83 -30.89 7.14
C THR C 8 10.29 -29.44 7.19
N LEU C 9 11.52 -29.23 7.66
CA LEU C 9 12.08 -27.89 7.77
C LEU C 9 13.55 -27.89 7.37
N TYR C 10 13.87 -27.14 6.33
CA TYR C 10 15.26 -26.99 5.91
C TYR C 10 15.97 -25.97 6.79
N ASP C 11 16.90 -26.48 7.58
CA ASP C 11 17.54 -25.72 8.64
C ASP C 11 18.82 -25.06 8.14
N LEU C 12 19.25 -24.02 8.84
CA LEU C 12 20.56 -23.42 8.61
C LEU C 12 21.38 -23.62 9.89
N GLN C 13 22.22 -24.65 9.88
CA GLN C 13 22.89 -25.11 11.09
C GLN C 13 24.37 -24.76 11.13
N LEU C 14 24.90 -24.68 12.35
CA LEU C 14 26.34 -24.58 12.57
C LEU C 14 26.92 -25.98 12.65
N GLU C 15 28.24 -26.08 12.79
CA GLU C 15 28.91 -27.37 12.80
C GLU C 15 28.40 -28.25 13.95
N SER C 16 27.94 -27.61 15.02
CA SER C 16 27.42 -28.34 16.17
C SER C 16 25.98 -28.81 15.92
N GLY C 17 25.42 -28.40 14.78
CA GLY C 17 24.04 -28.73 14.44
C GLY C 17 23.08 -27.63 14.86
N CYS C 18 23.57 -26.71 15.68
CA CYS C 18 22.77 -25.62 16.20
C CYS C 18 22.35 -24.64 15.12
N THR C 19 21.09 -24.20 15.16
CA THR C 19 20.59 -23.24 14.19
C THR C 19 21.18 -21.85 14.44
N ILE C 20 21.62 -21.19 13.38
CA ILE C 20 22.18 -19.85 13.49
C ILE C 20 21.19 -18.81 12.94
N SER C 21 20.55 -19.13 11.83
CA SER C 21 19.63 -18.21 11.17
C SER C 21 18.48 -17.80 12.10
N PRO C 22 18.27 -16.49 12.30
CA PRO C 22 17.13 -16.07 13.12
C PRO C 22 15.79 -16.40 12.45
N TYR C 23 15.78 -16.37 11.12
CA TYR C 23 14.57 -16.68 10.38
C TYR C 23 14.15 -18.13 10.55
N VAL C 24 15.14 -19.02 10.62
CA VAL C 24 14.86 -20.44 10.86
C VAL C 24 14.48 -20.65 12.32
N TRP C 25 15.04 -19.84 13.21
CA TRP C 25 14.72 -19.94 14.63
C TRP C 25 13.24 -19.68 14.90
N ARG C 26 12.74 -18.54 14.43
CA ARG C 26 11.34 -18.19 14.65
C ARG C 26 10.41 -19.13 13.90
N THR C 27 10.94 -19.83 12.90
CA THR C 27 10.15 -20.82 12.17
C THR C 27 10.05 -22.10 13.00
N LYS C 28 11.16 -22.49 13.61
CA LYS C 28 11.16 -23.63 14.53
C LYS C 28 10.15 -23.37 15.64
N TYR C 29 10.17 -22.16 16.18
CA TYR C 29 9.26 -21.78 17.25
C TYR C 29 7.82 -21.70 16.76
N ALA C 30 7.64 -21.27 15.52
CA ALA C 30 6.31 -21.16 14.94
C ALA C 30 5.72 -22.55 14.69
N LEU C 31 6.58 -23.49 14.33
CA LEU C 31 6.14 -24.86 14.10
C LEU C 31 5.74 -25.55 15.40
N LYS C 32 6.58 -25.42 16.42
CA LYS C 32 6.30 -26.03 17.72
C LYS C 32 5.13 -25.33 18.40
N HIS C 33 4.98 -24.03 18.13
CA HIS C 33 3.84 -23.28 18.64
C HIS C 33 2.53 -23.86 18.11
N LYS C 34 2.58 -24.35 16.87
CA LYS C 34 1.43 -25.01 16.26
C LYS C 34 1.31 -26.45 16.72
N GLY C 35 2.34 -26.94 17.41
CA GLY C 35 2.32 -28.29 17.94
C GLY C 35 2.75 -29.34 16.91
N PHE C 36 3.54 -28.91 15.94
CA PHE C 36 4.05 -29.81 14.92
C PHE C 36 5.39 -30.40 15.30
N ASP C 37 5.61 -31.65 14.91
CA ASP C 37 6.93 -32.27 15.01
C ASP C 37 7.75 -31.86 13.80
N ILE C 38 9.00 -31.49 14.01
CA ILE C 38 9.84 -30.99 12.91
C ILE C 38 10.74 -32.08 12.37
N ASP C 39 10.62 -32.34 11.07
CA ASP C 39 11.55 -33.20 10.36
C ASP C 39 12.70 -32.35 9.86
N ILE C 40 13.64 -32.07 10.76
CA ILE C 40 14.75 -31.18 10.46
C ILE C 40 15.64 -31.73 9.35
N VAL C 41 15.99 -30.85 8.41
CA VAL C 41 16.95 -31.17 7.37
C VAL C 41 18.22 -30.36 7.65
N PRO C 42 19.30 -31.03 8.07
CA PRO C 42 20.50 -30.28 8.43
C PRO C 42 21.19 -29.67 7.20
N GLY C 43 22.26 -28.94 7.43
CA GLY C 43 22.98 -28.27 6.37
C GLY C 43 23.40 -26.88 6.81
N GLY C 44 23.96 -26.12 5.88
CA GLY C 44 24.46 -24.79 6.19
C GLY C 44 24.26 -23.78 5.10
N PHE C 45 25.15 -22.79 5.06
CA PHE C 45 25.01 -21.66 4.14
C PHE C 45 25.21 -22.07 2.68
N THR C 46 25.98 -23.13 2.46
CA THR C 46 26.29 -23.57 1.10
C THR C 46 25.38 -24.72 0.67
N GLY C 47 25.15 -24.82 -0.63
CA GLY C 47 24.36 -25.89 -1.20
C GLY C 47 22.91 -25.89 -0.77
N ILE C 48 22.38 -24.71 -0.47
CA ILE C 48 20.98 -24.59 -0.08
C ILE C 48 20.09 -24.96 -1.26
N LEU C 49 20.48 -24.50 -2.45
CA LEU C 49 19.71 -24.74 -3.66
C LEU C 49 19.65 -26.24 -3.98
N GLU C 50 20.80 -26.90 -3.85
CA GLU C 50 20.88 -28.33 -4.14
C GLU C 50 20.25 -29.15 -3.02
N ARG C 51 20.28 -28.63 -1.80
CA ARG C 51 19.72 -29.34 -0.66
C ARG C 51 18.21 -29.36 -0.70
N THR C 52 17.63 -28.31 -1.29
CA THR C 52 16.22 -28.33 -1.67
C THR C 52 16.15 -28.94 -3.06
N GLY C 53 14.96 -28.95 -3.66
CA GLY C 53 14.80 -29.50 -5.00
C GLY C 53 15.09 -28.48 -6.08
N GLY C 54 16.02 -27.56 -5.80
CA GLY C 54 16.24 -26.41 -6.66
C GLY C 54 15.10 -25.43 -6.50
N ARG C 55 14.33 -25.58 -5.42
CA ARG C 55 13.15 -24.78 -5.19
C ARG C 55 13.44 -23.47 -4.44
N SER C 56 14.58 -23.43 -3.76
CA SER C 56 14.93 -22.28 -2.94
C SER C 56 16.42 -22.20 -2.64
N GLU C 57 16.99 -21.00 -2.81
CA GLU C 57 18.38 -20.75 -2.46
C GLU C 57 18.50 -20.18 -1.05
N ARG C 58 17.35 -20.03 -0.39
CA ARG C 58 17.28 -19.49 0.96
C ARG C 58 16.50 -20.41 1.89
N VAL C 59 16.90 -20.42 3.16
CA VAL C 59 16.15 -21.10 4.21
C VAL C 59 15.75 -20.05 5.25
N PRO C 60 14.67 -20.30 6.00
CA PRO C 60 13.91 -21.55 6.14
C PRO C 60 12.99 -21.89 4.96
N VAL C 61 12.73 -23.19 4.83
CA VAL C 61 11.79 -23.70 3.85
C VAL C 61 11.11 -24.90 4.49
N ILE C 62 9.80 -24.98 4.40
CA ILE C 62 9.08 -26.13 4.94
C ILE C 62 8.30 -26.87 3.86
N VAL C 63 8.07 -28.16 4.12
CA VAL C 63 7.30 -29.00 3.22
C VAL C 63 6.17 -29.66 4.00
N ASP C 64 5.05 -28.96 4.10
CA ASP C 64 3.88 -29.48 4.79
C ASP C 64 3.20 -30.52 3.90
N ASP C 65 3.22 -31.77 4.36
CA ASP C 65 2.75 -32.90 3.54
C ASP C 65 3.52 -32.97 2.23
N GLY C 66 3.24 -32.03 1.33
CA GLY C 66 3.96 -31.96 0.06
C GLY C 66 4.05 -30.55 -0.50
N GLU C 67 3.42 -29.59 0.19
CA GLU C 67 3.40 -28.21 -0.27
C GLU C 67 4.61 -27.43 0.25
N TRP C 68 5.34 -26.82 -0.67
CA TRP C 68 6.53 -26.07 -0.32
C TRP C 68 6.21 -24.62 0.01
N VAL C 69 6.68 -24.18 1.18
CA VAL C 69 6.46 -22.80 1.63
C VAL C 69 7.80 -22.15 1.98
N LEU C 70 8.07 -21.02 1.34
CA LEU C 70 9.35 -20.34 1.48
C LEU C 70 9.24 -19.09 2.35
N ASP C 71 10.34 -18.70 2.99
CA ASP C 71 10.43 -17.48 3.79
C ASP C 71 9.68 -17.61 5.11
N SER C 72 10.39 -17.32 6.21
CA SER C 72 9.86 -17.49 7.56
C SER C 72 8.55 -16.75 7.81
N TRP C 73 8.46 -15.52 7.31
CA TRP C 73 7.26 -14.72 7.52
C TRP C 73 6.06 -15.35 6.82
N VAL C 74 6.22 -15.68 5.55
CA VAL C 74 5.17 -16.31 4.78
C VAL C 74 4.79 -17.65 5.40
N ILE C 75 5.78 -18.35 5.93
CA ILE C 75 5.55 -19.62 6.61
C ILE C 75 4.66 -19.45 7.83
N ALA C 76 4.94 -18.41 8.63
CA ALA C 76 4.13 -18.13 9.81
C ALA C 76 2.69 -17.83 9.41
N GLU C 77 2.52 -17.04 8.36
CA GLU C 77 1.20 -16.71 7.84
C GLU C 77 0.51 -17.94 7.27
N TYR C 78 1.29 -18.76 6.57
CA TYR C 78 0.77 -20.01 6.01
C TYR C 78 0.23 -20.91 7.11
N LEU C 79 0.95 -20.99 8.23
CA LEU C 79 0.54 -21.85 9.33
C LEU C 79 -0.77 -21.37 9.94
N ASP C 80 -0.89 -20.06 10.15
CA ASP C 80 -2.12 -19.48 10.69
C ASP C 80 -3.28 -19.62 9.72
N GLU C 81 -2.98 -19.54 8.42
CA GLU C 81 -4.02 -19.65 7.40
C GLU C 81 -4.57 -21.08 7.35
N LYS C 82 -3.68 -22.05 7.20
CA LYS C 82 -4.08 -23.44 6.97
C LYS C 82 -4.47 -24.15 8.26
N TYR C 83 -3.86 -23.71 9.38
CA TYR C 83 -4.14 -24.33 10.68
C TYR C 83 -4.63 -23.32 11.70
N PRO C 84 -5.87 -22.83 11.53
CA PRO C 84 -6.48 -21.88 12.46
C PRO C 84 -6.93 -22.55 13.76
N ASP C 85 -7.08 -23.88 13.74
CA ASP C 85 -7.49 -24.62 14.92
C ASP C 85 -6.33 -24.78 15.89
N ARG C 86 -5.10 -24.69 15.37
CA ARG C 86 -3.91 -24.76 16.21
C ARG C 86 -3.57 -23.35 16.71
N PRO C 87 -2.82 -23.25 17.82
CA PRO C 87 -2.48 -21.95 18.43
C PRO C 87 -2.02 -20.91 17.42
N MET C 88 -2.59 -19.70 17.51
CA MET C 88 -2.35 -18.66 16.52
C MET C 88 -1.03 -17.93 16.74
N LEU C 89 -0.34 -17.65 15.63
CA LEU C 89 0.92 -16.91 15.62
C LEU C 89 0.69 -15.40 15.57
N PHE C 90 -0.27 -14.98 14.76
CA PHE C 90 -0.65 -13.56 14.67
C PHE C 90 -2.05 -13.37 15.25
N GLU C 91 -2.23 -12.30 16.02
CA GLU C 91 -3.54 -11.98 16.58
C GLU C 91 -4.32 -11.07 15.63
N GLY C 92 -3.62 -10.52 14.63
CA GLY C 92 -4.26 -9.65 13.66
C GLY C 92 -3.24 -8.87 12.85
N PRO C 93 -3.73 -8.03 11.93
CA PRO C 93 -2.85 -7.25 11.04
C PRO C 93 -2.00 -6.22 11.77
N THR C 94 -2.42 -5.82 12.97
CA THR C 94 -1.70 -4.80 13.72
C THR C 94 -0.45 -5.41 14.34
N GLN C 95 -0.54 -6.65 14.76
CA GLN C 95 0.62 -7.36 15.29
C GLN C 95 1.72 -7.36 14.23
N LYS C 96 1.34 -7.69 12.99
CA LYS C 96 2.29 -7.80 11.91
C LYS C 96 3.09 -6.52 11.69
N ASN C 97 2.38 -5.39 11.59
CA ASN C 97 3.03 -4.11 11.33
C ASN C 97 3.92 -3.67 12.48
N LEU C 98 3.42 -3.80 13.70
CA LEU C 98 4.17 -3.37 14.88
C LEU C 98 5.26 -4.40 15.21
N MET C 99 5.08 -5.65 14.78
CA MET C 99 6.14 -6.64 14.88
C MET C 99 7.36 -6.20 14.07
N LYS C 100 7.10 -5.82 12.82
CA LYS C 100 8.16 -5.47 11.89
C LYS C 100 8.92 -4.26 12.42
N PHE C 101 8.22 -3.37 13.10
CA PHE C 101 8.87 -2.18 13.65
C PHE C 101 9.85 -2.58 14.75
N LEU C 102 9.39 -3.44 15.65
CA LEU C 102 10.24 -3.92 16.74
C LEU C 102 11.40 -4.74 16.21
N ASP C 103 11.12 -5.59 15.23
CA ASP C 103 12.16 -6.44 14.64
C ASP C 103 13.27 -5.59 14.03
N ASN C 104 12.89 -4.61 13.22
CA ASN C 104 13.88 -3.74 12.57
C ASN C 104 14.72 -3.00 13.61
N TRP C 105 14.09 -2.62 14.72
CA TRP C 105 14.77 -1.91 15.79
C TRP C 105 15.77 -2.81 16.49
N LEU C 106 15.38 -4.06 16.73
CA LEU C 106 16.28 -5.04 17.32
C LEU C 106 17.44 -5.31 16.37
N TRP C 107 17.14 -5.34 15.09
CA TRP C 107 18.15 -5.60 14.07
C TRP C 107 19.17 -4.48 13.95
N SER C 108 18.74 -3.25 14.21
CA SER C 108 19.63 -2.11 14.18
C SER C 108 20.39 -1.99 15.50
N THR C 109 19.68 -2.23 16.60
CA THR C 109 20.22 -2.03 17.93
C THR C 109 21.10 -3.21 18.38
N ALA C 110 20.61 -4.42 18.18
CA ALA C 110 21.31 -5.62 18.65
C ALA C 110 22.11 -6.31 17.55
N VAL C 111 21.42 -6.72 16.49
CA VAL C 111 22.04 -7.52 15.44
C VAL C 111 23.19 -6.75 14.76
N GLY C 112 23.00 -5.46 14.56
CA GLY C 112 24.02 -4.63 13.94
C GLY C 112 25.36 -4.74 14.66
N PRO C 113 25.42 -4.23 15.90
CA PRO C 113 26.65 -4.30 16.70
C PRO C 113 27.12 -5.73 16.97
N TRP C 114 26.21 -6.63 17.35
CA TRP C 114 26.59 -7.99 17.71
C TRP C 114 27.07 -8.80 16.51
N PHE C 115 26.62 -8.43 15.32
CA PHE C 115 27.10 -9.08 14.10
C PHE C 115 28.60 -8.88 13.98
N ARG C 116 29.04 -7.64 14.15
CA ARG C 116 30.45 -7.30 14.02
C ARG C 116 31.26 -7.82 15.20
N CYS C 117 30.58 -8.11 16.31
CA CYS C 117 31.25 -8.58 17.52
C CYS C 117 31.49 -10.08 17.52
N TYR C 118 30.73 -10.82 16.70
CA TYR C 118 30.82 -12.27 16.68
C TYR C 118 30.97 -12.82 15.27
N ILE C 119 31.44 -11.96 14.36
CA ILE C 119 31.52 -12.33 12.95
C ILE C 119 32.58 -13.41 12.69
N LEU C 120 33.66 -13.41 13.48
CA LEU C 120 34.68 -14.43 13.35
C LEU C 120 34.20 -15.74 13.98
N ASP C 121 33.49 -15.64 15.10
CA ASP C 121 32.89 -16.81 15.73
C ASP C 121 31.81 -17.39 14.83
N TYR C 122 31.02 -16.49 14.23
CA TYR C 122 30.05 -16.82 13.21
C TYR C 122 30.68 -17.71 12.14
N HIS C 123 31.90 -17.34 11.73
CA HIS C 123 32.65 -18.06 10.71
C HIS C 123 33.18 -19.39 11.22
N ASP C 124 33.86 -19.37 12.36
CA ASP C 124 34.56 -20.54 12.88
C ASP C 124 33.61 -21.65 13.36
N LEU C 125 32.43 -21.27 13.82
CA LEU C 125 31.50 -22.24 14.41
C LEU C 125 30.65 -22.94 13.36
N SER C 126 30.56 -22.36 12.18
CA SER C 126 29.75 -22.94 11.10
C SER C 126 30.41 -24.19 10.52
N LEU C 127 29.66 -24.92 9.70
CA LEU C 127 30.16 -26.16 9.09
C LEU C 127 31.45 -25.92 8.31
N PRO C 128 32.34 -26.93 8.26
CA PRO C 128 33.61 -26.79 7.52
C PRO C 128 33.44 -26.36 6.06
N GLN C 129 32.44 -26.91 5.37
CA GLN C 129 32.24 -26.61 3.96
C GLN C 129 31.72 -25.18 3.73
N ASP C 130 31.27 -24.53 4.80
CA ASP C 130 30.74 -23.17 4.71
C ASP C 130 31.79 -22.11 4.96
N ARG C 131 32.80 -22.45 5.76
CA ARG C 131 33.76 -21.49 6.29
C ARG C 131 34.33 -20.57 5.22
N ASP C 132 34.82 -21.15 4.12
CA ASP C 132 35.37 -20.36 3.04
C ASP C 132 34.30 -19.47 2.41
N TYR C 133 33.10 -20.02 2.21
CA TYR C 133 32.01 -19.25 1.65
C TYR C 133 31.60 -18.10 2.57
N VAL C 134 31.46 -18.41 3.86
CA VAL C 134 31.08 -17.41 4.85
C VAL C 134 32.15 -16.33 4.93
N ARG C 135 33.41 -16.72 4.74
CA ARG C 135 34.52 -15.77 4.75
C ARG C 135 34.34 -14.69 3.69
N TRP C 136 34.62 -15.05 2.42
CA TRP C 136 34.64 -14.07 1.33
C TRP C 136 33.30 -13.34 1.21
N SER C 137 32.21 -14.05 1.47
CA SER C 137 30.88 -13.45 1.36
C SER C 137 30.74 -12.31 2.35
N ARG C 138 30.73 -12.65 3.64
CA ARG C 138 30.53 -11.66 4.69
C ARG C 138 31.64 -10.60 4.69
N GLU C 139 32.85 -10.98 4.30
CA GLU C 139 33.99 -10.08 4.39
C GLU C 139 33.89 -8.85 3.49
N GLN C 140 33.02 -8.89 2.49
CA GLN C 140 32.92 -7.77 1.54
C GLN C 140 31.49 -7.45 1.12
N TRP C 141 30.66 -8.47 0.95
CA TRP C 141 29.27 -8.24 0.57
C TRP C 141 28.54 -7.59 1.75
N PHE C 142 28.70 -8.19 2.93
CA PHE C 142 28.40 -7.50 4.18
C PHE C 142 29.65 -6.69 4.54
N LEU C 143 29.70 -6.13 5.74
CA LEU C 143 30.95 -5.54 6.23
C LEU C 143 31.36 -4.34 5.38
N GLY C 144 32.67 -4.10 5.29
CA GLY C 144 33.22 -3.05 4.46
C GLY C 144 34.18 -3.57 3.41
N GLY C 145 34.86 -4.67 3.72
CA GLY C 145 35.84 -5.25 2.82
C GLY C 145 37.06 -5.79 3.54
N GLN C 146 37.11 -5.58 4.86
CA GLN C 146 38.25 -5.98 5.67
C GLN C 146 38.08 -7.39 6.23
N ARG C 147 39.10 -7.87 6.95
CA ARG C 147 39.13 -9.24 7.43
C ARG C 147 38.28 -9.43 8.69
N LEU C 148 37.69 -10.61 8.83
CA LEU C 148 36.79 -10.91 9.94
C LEU C 148 37.49 -10.77 11.29
N GLU C 149 38.74 -11.19 11.36
CA GLU C 149 39.54 -11.05 12.56
C GLU C 149 39.66 -9.58 12.95
N ASP C 150 39.90 -8.73 11.95
CA ASP C 150 40.12 -7.31 12.18
C ASP C 150 38.83 -6.61 12.63
N VAL C 151 37.68 -7.21 12.29
CA VAL C 151 36.39 -6.65 12.66
C VAL C 151 35.99 -7.07 14.07
N GLN C 152 36.02 -8.36 14.32
CA GLN C 152 35.68 -8.89 15.65
C GLN C 152 36.65 -8.39 16.72
N ALA C 153 37.83 -7.96 16.30
CA ALA C 153 38.81 -7.37 17.21
C ALA C 153 38.26 -6.09 17.82
N GLY C 154 38.34 -6.00 19.15
CA GLY C 154 37.88 -4.82 19.86
C GLY C 154 36.44 -4.93 20.34
N ARG C 155 35.88 -6.13 20.26
CA ARG C 155 34.49 -6.34 20.67
C ARG C 155 34.35 -6.17 22.17
N GLU C 156 35.44 -6.40 22.89
CA GLU C 156 35.46 -6.22 24.34
C GLU C 156 35.09 -4.78 24.67
N ASP C 157 35.34 -3.88 23.72
CA ASP C 157 35.06 -2.47 23.89
C ASP C 157 33.69 -2.10 23.36
N ARG C 158 33.17 -2.90 22.44
CA ARG C 158 31.90 -2.61 21.79
C ARG C 158 30.71 -3.24 22.49
N LEU C 159 30.90 -4.46 23.00
CA LEU C 159 29.81 -5.20 23.64
C LEU C 159 29.20 -4.47 24.83
N PRO C 160 30.02 -3.78 25.65
CA PRO C 160 29.44 -3.04 26.77
C PRO C 160 28.49 -1.91 26.37
N LEU C 161 28.55 -1.48 25.11
CA LEU C 161 27.75 -0.34 24.67
C LEU C 161 26.37 -0.73 24.17
N VAL C 162 26.12 -2.02 23.99
CA VAL C 162 24.87 -2.50 23.40
C VAL C 162 23.72 -2.63 24.42
N PRO C 163 24.00 -3.21 25.60
CA PRO C 163 22.92 -3.43 26.58
C PRO C 163 22.11 -2.19 26.93
N PRO C 164 22.75 -1.02 27.13
CA PRO C 164 21.97 0.16 27.49
C PRO C 164 20.96 0.54 26.41
N THR C 165 21.31 0.27 25.16
CA THR C 165 20.45 0.63 24.03
C THR C 165 19.23 -0.27 23.93
N LEU C 166 19.24 -1.38 24.66
CA LEU C 166 18.12 -2.32 24.64
C LEU C 166 17.00 -1.90 25.60
N GLU C 167 17.19 -0.79 26.29
CA GLU C 167 16.29 -0.39 27.37
C GLU C 167 14.83 -0.20 26.90
N PRO C 168 14.63 0.36 25.70
CA PRO C 168 13.25 0.49 25.21
C PRO C 168 12.55 -0.86 25.06
N PHE C 169 13.33 -1.92 24.86
CA PHE C 169 12.77 -3.27 24.75
C PHE C 169 12.51 -3.82 26.15
N ARG C 170 13.38 -3.49 27.10
CA ARG C 170 13.20 -3.91 28.48
C ARG C 170 11.96 -3.30 29.10
N ARG C 171 11.67 -2.06 28.69
CA ARG C 171 10.53 -1.32 29.21
C ARG C 171 9.21 -2.02 28.89
N ILE C 172 9.19 -2.72 27.76
CA ILE C 172 8.01 -3.49 27.36
C ILE C 172 7.91 -4.78 28.15
N LEU C 173 8.99 -5.55 28.18
CA LEU C 173 9.02 -6.84 28.85
C LEU C 173 8.87 -6.73 30.36
N ALA C 174 9.04 -5.52 30.89
CA ALA C 174 8.91 -5.29 32.33
C ALA C 174 7.44 -5.20 32.74
N GLU C 175 6.56 -5.00 31.76
CA GLU C 175 5.13 -4.83 32.02
C GLU C 175 4.29 -5.92 31.35
N THR C 176 4.93 -7.05 31.04
CA THR C 176 4.22 -8.20 30.50
C THR C 176 5.15 -9.42 30.50
N LYS C 177 4.55 -10.60 30.62
CA LYS C 177 5.33 -11.84 30.63
C LYS C 177 5.87 -12.14 29.23
N TRP C 178 4.97 -12.11 28.25
CA TRP C 178 5.33 -12.30 26.85
C TRP C 178 4.88 -11.11 26.01
N LEU C 179 5.50 -10.93 24.85
CA LEU C 179 5.06 -9.90 23.92
C LEU C 179 3.62 -10.17 23.49
N GLY C 180 3.23 -11.44 23.53
CA GLY C 180 1.87 -11.82 23.19
C GLY C 180 0.93 -11.78 24.38
N GLY C 181 1.42 -11.29 25.51
CA GLY C 181 0.63 -11.20 26.73
C GLY C 181 0.97 -12.29 27.72
N ASP C 182 -0.02 -13.09 28.09
CA ASP C 182 0.18 -14.17 29.05
C ASP C 182 0.70 -15.43 28.37
N GLN C 183 0.53 -15.51 27.06
CA GLN C 183 1.07 -16.60 26.26
C GLN C 183 1.86 -16.04 25.09
N PRO C 184 2.94 -16.74 24.69
CA PRO C 184 3.76 -16.21 23.60
C PRO C 184 3.14 -16.41 22.23
N ASN C 185 3.54 -15.58 21.27
CA ASN C 185 3.16 -15.77 19.88
C ASN C 185 4.35 -15.41 18.98
N PHE C 186 4.09 -15.13 17.72
CA PHE C 186 5.17 -14.94 16.75
C PHE C 186 5.93 -13.64 17.02
N ALA C 187 5.32 -12.72 17.78
CA ALA C 187 6.02 -11.51 18.19
C ALA C 187 7.20 -11.89 19.06
N ASP C 188 6.97 -12.79 20.01
CA ASP C 188 8.04 -13.27 20.89
C ASP C 188 9.10 -14.02 20.10
N TYR C 189 8.65 -14.90 19.23
CA TYR C 189 9.55 -15.79 18.51
C TYR C 189 10.41 -15.02 17.52
N SER C 190 9.86 -13.94 16.96
CA SER C 190 10.60 -13.12 16.03
C SER C 190 11.60 -12.25 16.78
N ALA C 191 11.19 -11.74 17.94
CA ALA C 191 12.08 -10.97 18.80
C ALA C 191 13.14 -11.89 19.39
N LEU C 192 12.72 -13.06 19.85
CA LEU C 192 13.62 -14.01 20.48
C LEU C 192 14.64 -14.56 19.49
N ALA C 193 14.27 -14.60 18.21
CA ALA C 193 15.14 -15.10 17.16
C ALA C 193 16.44 -14.32 17.10
N VAL C 194 16.35 -13.02 17.39
CA VAL C 194 17.52 -12.15 17.43
C VAL C 194 18.57 -12.66 18.41
N PHE C 195 18.11 -13.08 19.59
CA PHE C 195 19.00 -13.51 20.64
C PHE C 195 19.40 -14.96 20.48
N LEU C 196 18.53 -15.75 19.86
CA LEU C 196 18.86 -17.13 19.53
C LEU C 196 19.98 -17.19 18.51
N TRP C 197 19.99 -16.22 17.58
CA TRP C 197 21.08 -16.12 16.62
C TRP C 197 22.37 -15.72 17.33
N THR C 198 22.25 -14.84 18.32
CA THR C 198 23.40 -14.35 19.05
C THR C 198 24.02 -15.46 19.89
N ALA C 199 23.18 -16.23 20.57
CA ALA C 199 23.64 -17.31 21.42
C ALA C 199 24.37 -18.38 20.61
N SER C 200 24.01 -18.52 19.35
CA SER C 200 24.59 -19.56 18.51
C SER C 200 26.02 -19.23 18.10
N VAL C 201 26.39 -17.95 18.16
CA VAL C 201 27.70 -17.51 17.70
C VAL C 201 28.49 -16.73 18.74
N ALA C 202 27.82 -16.27 19.79
CA ALA C 202 28.49 -15.48 20.81
C ALA C 202 29.33 -16.37 21.73
N ARG C 203 30.62 -16.45 21.45
CA ARG C 203 31.53 -17.25 22.27
C ARG C 203 31.94 -16.50 23.54
N THR C 204 31.57 -15.22 23.61
CA THR C 204 31.63 -14.46 24.86
C THR C 204 30.27 -13.79 25.08
N PRO C 205 29.81 -13.72 26.34
CA PRO C 205 28.44 -13.23 26.59
C PRO C 205 28.22 -11.76 26.20
N PRO C 206 27.12 -11.46 25.47
CA PRO C 206 26.79 -10.07 25.13
C PRO C 206 26.06 -9.30 26.24
N LEU C 207 25.44 -10.02 27.18
CA LEU C 207 24.64 -9.39 28.24
C LEU C 207 25.19 -9.71 29.62
N THR C 208 24.82 -8.90 30.61
CA THR C 208 25.24 -9.14 31.99
C THR C 208 24.39 -10.24 32.62
N GLU C 209 24.89 -10.79 33.73
CA GLU C 209 24.24 -11.91 34.41
C GLU C 209 22.81 -11.56 34.85
N ASP C 210 22.65 -10.35 35.39
CA ASP C 210 21.39 -9.95 36.01
C ASP C 210 20.56 -9.03 35.10
N ASP C 211 20.70 -9.21 33.80
CA ASP C 211 19.94 -8.41 32.85
C ASP C 211 18.45 -8.70 32.99
N PRO C 212 17.61 -7.66 33.07
CA PRO C 212 16.16 -7.88 33.18
C PRO C 212 15.57 -8.65 31.98
N LEU C 213 16.27 -8.66 30.86
CA LEU C 213 15.83 -9.40 29.69
C LEU C 213 15.92 -10.90 29.90
N ARG C 214 16.72 -11.31 30.88
CA ARG C 214 17.02 -12.72 31.09
C ARG C 214 15.79 -13.54 31.43
N ASP C 215 14.82 -12.90 32.09
CA ASP C 215 13.56 -13.56 32.41
C ASP C 215 12.86 -14.02 31.15
N TRP C 216 12.62 -13.08 30.24
CA TRP C 216 11.97 -13.36 28.98
C TRP C 216 12.84 -14.27 28.11
N LEU C 217 14.15 -14.07 28.16
CA LEU C 217 15.08 -14.85 27.35
C LEU C 217 15.16 -16.31 27.81
N ASP C 218 15.39 -16.52 29.09
CA ASP C 218 15.50 -17.89 29.60
C ASP C 218 14.17 -18.63 29.45
N ARG C 219 13.06 -17.93 29.68
CA ARG C 219 11.75 -18.51 29.47
C ARG C 219 11.55 -18.83 27.99
N GLY C 220 11.96 -17.89 27.14
CA GLY C 220 11.87 -18.05 25.71
C GLY C 220 12.63 -19.25 25.18
N PHE C 221 13.84 -19.46 25.71
CA PHE C 221 14.69 -20.56 25.26
C PHE C 221 14.20 -21.90 25.80
N ASP C 222 13.36 -21.86 26.84
CA ASP C 222 12.85 -23.08 27.47
C ASP C 222 11.63 -23.63 26.74
N LEU C 223 10.91 -22.77 26.04
CA LEU C 223 9.67 -23.16 25.38
C LEU C 223 9.84 -24.38 24.48
N PHE C 224 8.81 -25.22 24.48
CA PHE C 224 8.76 -26.38 23.58
C PHE C 224 9.90 -27.35 23.84
N ASP C 225 10.10 -27.68 25.11
CA ASP C 225 11.10 -28.67 25.53
C ASP C 225 12.52 -28.22 25.22
N GLY C 226 12.87 -27.01 25.66
CA GLY C 226 14.21 -26.49 25.50
C GLY C 226 14.60 -26.31 24.05
N LEU C 227 13.71 -25.72 23.28
CA LEU C 227 13.94 -25.51 21.85
C LEU C 227 15.17 -24.62 21.61
N GLY C 228 15.40 -23.68 22.50
CA GLY C 228 16.53 -22.77 22.39
C GLY C 228 17.71 -23.18 23.26
N ARG C 229 17.73 -24.46 23.65
CA ARG C 229 18.77 -25.00 24.52
C ARG C 229 19.53 -26.12 23.82
N HIS C 230 19.67 -26.01 22.51
CA HIS C 230 20.46 -26.97 21.75
C HIS C 230 21.88 -26.99 22.29
N PRO C 231 22.48 -28.18 22.49
CA PRO C 231 23.75 -28.28 23.22
C PRO C 231 24.89 -27.40 22.69
N GLY C 232 24.90 -27.10 21.40
CA GLY C 232 25.97 -26.32 20.80
C GLY C 232 25.95 -24.86 21.21
N MET C 233 24.81 -24.40 21.69
CA MET C 233 24.62 -22.99 22.01
C MET C 233 25.57 -22.48 23.10
N ASN C 234 25.75 -21.16 23.11
CA ASN C 234 26.49 -20.43 24.15
C ASN C 234 25.55 -19.61 25.04
N PRO C 235 25.99 -19.30 26.27
CA PRO C 235 25.21 -18.43 27.15
C PRO C 235 25.17 -16.97 26.66
N LEU C 236 24.03 -16.32 26.86
CA LEU C 236 23.88 -14.92 26.51
C LEU C 236 24.35 -14.02 27.64
N PHE C 237 24.56 -14.61 28.82
CA PHE C 237 24.83 -13.84 30.02
C PHE C 237 26.18 -14.21 30.65
N GLY C 238 26.84 -13.19 31.21
CA GLY C 238 28.15 -13.35 31.79
C GLY C 238 29.08 -12.18 31.45
N LEU C 239 28.52 -11.15 30.82
CA LEU C 239 29.28 -9.97 30.46
C LEU C 239 29.83 -9.26 31.69
N LYS C 240 31.14 -9.04 31.71
CA LYS C 240 31.78 -8.32 32.81
C LYS C 240 32.08 -6.88 32.39
N LEU C 241 31.76 -5.94 33.28
CA LEU C 241 31.86 -4.52 32.97
C LEU C 241 32.93 -3.82 33.80
N ARG C 242 33.42 -2.71 33.26
CA ARG C 242 34.42 -1.88 33.94
C ARG C 242 33.74 -0.66 34.56
N GLU C 243 34.51 0.12 35.31
CA GLU C 243 33.98 1.33 35.92
C GLU C 243 33.54 2.34 34.84
N GLY C 244 34.27 2.35 33.73
CA GLY C 244 34.00 3.30 32.67
C GLY C 244 32.80 2.94 31.82
N ASP C 245 32.41 1.66 31.82
CA ASP C 245 31.30 1.21 31.00
C ASP C 245 30.00 1.86 31.45
N PRO C 246 29.05 2.04 30.51
CA PRO C 246 27.75 2.58 30.89
C PRO C 246 26.93 1.55 31.66
N GLU C 247 25.95 2.00 32.44
CA GLU C 247 25.04 1.10 33.10
C GLU C 247 24.33 0.25 32.05
N PRO C 248 24.42 -1.09 32.16
CA PRO C 248 23.87 -1.95 31.11
C PRO C 248 22.36 -1.84 30.99
N PHE C 249 21.68 -1.54 32.09
CA PHE C 249 20.24 -1.37 32.08
C PHE C 249 19.79 -0.48 33.23
N VAL C 250 18.62 0.13 33.06
CA VAL C 250 18.03 0.95 34.11
C VAL C 250 17.63 0.09 35.30
N ARG C 251 18.10 0.47 36.48
CA ARG C 251 17.74 -0.20 37.71
C ARG C 251 16.85 0.71 38.53
N GLN C 252 15.54 0.48 38.44
CA GLN C 252 14.57 1.37 39.06
C GLN C 252 13.31 0.63 39.54
N THR C 253 12.67 1.21 40.56
CA THR C 253 11.48 0.63 41.16
C THR C 253 10.66 1.75 41.81
N GLY C 254 9.34 1.77 41.65
CA GLY C 254 8.60 0.94 40.72
C GLY C 254 7.10 1.11 40.88
N PRO C 255 6.59 2.35 40.91
CA PRO C 255 5.15 2.52 41.12
C PRO C 255 4.34 2.29 39.84
N ASN D 4 -26.23 9.29 25.10
CA ASN D 4 -26.86 8.38 24.16
C ASN D 4 -27.40 9.12 22.92
N ASN D 5 -26.77 9.00 21.76
CA ASN D 5 -25.52 8.27 21.51
C ASN D 5 -24.33 9.21 21.66
N THR D 6 -23.99 9.54 22.91
CA THR D 6 -23.00 10.57 23.17
C THR D 6 -22.15 10.27 24.40
N ILE D 7 -20.88 10.66 24.33
CA ILE D 7 -19.95 10.57 25.45
C ILE D 7 -19.26 11.92 25.64
N THR D 8 -19.20 12.38 26.88
CA THR D 8 -18.56 13.66 27.18
C THR D 8 -17.04 13.50 27.12
N LEU D 9 -16.35 14.57 26.76
CA LEU D 9 -14.89 14.55 26.68
C LEU D 9 -14.31 15.91 27.08
N TYR D 10 -13.62 15.95 28.20
CA TYR D 10 -12.95 17.16 28.63
C TYR D 10 -11.68 17.39 27.81
N ASP D 11 -11.80 18.28 26.84
CA ASP D 11 -10.73 18.55 25.89
C ASP D 11 -9.58 19.31 26.54
N LEU D 12 -8.51 19.50 25.77
CA LEU D 12 -7.41 20.36 26.17
C LEU D 12 -6.98 21.16 24.94
N GLN D 13 -7.40 22.42 24.90
CA GLN D 13 -7.34 23.21 23.67
C GLN D 13 -6.39 24.40 23.72
N LEU D 14 -5.99 24.85 22.53
CA LEU D 14 -5.28 26.11 22.36
C LEU D 14 -6.31 27.21 22.14
N GLU D 15 -5.85 28.45 22.05
CA GLU D 15 -6.76 29.60 21.89
C GLU D 15 -7.60 29.46 20.63
N SER D 16 -7.08 28.75 19.64
CA SER D 16 -7.79 28.56 18.38
C SER D 16 -8.91 27.52 18.50
N GLY D 17 -8.89 26.76 19.59
CA GLY D 17 -9.85 25.68 19.79
C GLY D 17 -9.27 24.34 19.37
N CYS D 18 -7.98 24.35 19.02
CA CYS D 18 -7.29 23.14 18.58
C CYS D 18 -6.86 22.30 19.77
N THR D 19 -7.21 21.02 19.72
CA THR D 19 -6.69 20.07 20.70
C THR D 19 -5.19 20.01 20.58
N ILE D 20 -4.48 20.19 21.69
CA ILE D 20 -3.02 20.14 21.69
C ILE D 20 -2.53 18.79 22.21
N SER D 21 -3.20 18.27 23.23
CA SER D 21 -2.76 17.05 23.88
C SER D 21 -2.85 15.85 22.95
N PRO D 22 -1.73 15.13 22.75
CA PRO D 22 -1.84 13.91 21.95
C PRO D 22 -2.71 12.86 22.64
N TYR D 23 -2.69 12.84 23.96
CA TYR D 23 -3.49 11.90 24.72
C TYR D 23 -4.98 12.13 24.48
N VAL D 24 -5.38 13.39 24.39
CA VAL D 24 -6.76 13.72 24.04
C VAL D 24 -7.03 13.43 22.57
N TRP D 25 -6.02 13.67 21.73
CA TRP D 25 -6.17 13.44 20.29
C TRP D 25 -6.56 12.00 19.99
N ARG D 26 -5.83 11.04 20.55
CA ARG D 26 -6.10 9.64 20.27
C ARG D 26 -7.40 9.19 20.96
N THR D 27 -7.81 9.92 21.99
CA THR D 27 -9.10 9.65 22.63
C THR D 27 -10.24 10.11 21.73
N LYS D 28 -10.07 11.27 21.09
CA LYS D 28 -11.05 11.74 20.13
C LYS D 28 -11.21 10.72 19.01
N TYR D 29 -10.09 10.27 18.46
CA TYR D 29 -10.10 9.27 17.41
C TYR D 29 -10.70 7.96 17.91
N ALA D 30 -10.41 7.62 19.16
CA ALA D 30 -10.93 6.41 19.77
C ALA D 30 -12.45 6.45 19.85
N LEU D 31 -12.99 7.61 20.22
CA LEU D 31 -14.43 7.77 20.37
C LEU D 31 -15.13 7.74 19.02
N LYS D 32 -14.55 8.42 18.03
CA LYS D 32 -15.13 8.43 16.69
C LYS D 32 -15.02 7.05 16.06
N HIS D 33 -13.87 6.40 16.26
CA HIS D 33 -13.65 5.03 15.81
C HIS D 33 -14.74 4.11 16.35
N LYS D 34 -15.16 4.37 17.59
CA LYS D 34 -16.24 3.60 18.21
C LYS D 34 -17.61 4.02 17.68
N GLY D 35 -17.67 5.18 17.04
CA GLY D 35 -18.90 5.66 16.43
C GLY D 35 -19.72 6.52 17.38
N PHE D 36 -19.07 7.04 18.41
CA PHE D 36 -19.74 7.91 19.38
C PHE D 36 -19.74 9.36 18.92
N ASP D 37 -20.81 10.07 19.23
CA ASP D 37 -20.80 11.52 19.18
C ASP D 37 -20.10 11.98 20.45
N ILE D 38 -19.44 13.14 20.39
CA ILE D 38 -18.68 13.63 21.54
C ILE D 38 -19.22 14.97 22.01
N ASP D 39 -19.51 15.05 23.31
CA ASP D 39 -19.85 16.32 23.94
C ASP D 39 -18.57 16.92 24.50
N ILE D 40 -17.90 17.73 23.68
CA ILE D 40 -16.64 18.34 24.06
C ILE D 40 -16.85 19.44 25.09
N VAL D 41 -16.24 19.26 26.27
CA VAL D 41 -16.18 20.32 27.27
C VAL D 41 -14.93 21.13 26.98
N PRO D 42 -15.10 22.38 26.51
CA PRO D 42 -13.90 23.16 26.18
C PRO D 42 -13.10 23.54 27.41
N GLY D 43 -11.82 23.87 27.21
CA GLY D 43 -10.97 24.29 28.30
C GLY D 43 -9.51 24.14 27.94
N GLY D 44 -8.65 24.69 28.80
CA GLY D 44 -7.22 24.65 28.59
C GLY D 44 -6.48 23.97 29.73
N PHE D 45 -5.20 24.28 29.85
CA PHE D 45 -4.36 23.66 30.89
C PHE D 45 -4.80 24.04 32.29
N THR D 46 -5.19 25.30 32.47
CA THR D 46 -5.61 25.79 33.79
C THR D 46 -7.09 25.51 34.03
N GLY D 47 -7.41 25.10 35.26
CA GLY D 47 -8.79 24.94 35.68
C GLY D 47 -9.37 23.56 35.46
N ILE D 48 -8.51 22.60 35.12
CA ILE D 48 -8.96 21.24 34.87
C ILE D 48 -9.66 20.66 36.09
N LEU D 49 -9.10 20.95 37.27
CA LEU D 49 -9.65 20.47 38.52
C LEU D 49 -11.03 21.09 38.76
N GLU D 50 -11.26 22.25 38.15
CA GLU D 50 -12.53 22.96 38.29
C GLU D 50 -13.53 22.57 37.21
N ARG D 51 -13.05 22.32 36.00
CA ARG D 51 -13.91 21.87 34.92
C ARG D 51 -14.49 20.50 35.25
N THR D 52 -13.63 19.60 35.72
CA THR D 52 -14.10 18.38 36.35
C THR D 52 -14.58 18.75 37.74
N GLY D 53 -15.38 17.89 38.36
CA GLY D 53 -15.86 18.15 39.71
C GLY D 53 -14.83 17.79 40.75
N GLY D 54 -13.60 18.28 40.57
CA GLY D 54 -12.50 17.93 41.44
C GLY D 54 -12.15 16.45 41.30
N ARG D 55 -12.56 15.86 40.19
CA ARG D 55 -12.36 14.44 39.95
C ARG D 55 -10.99 14.14 39.35
N SER D 56 -10.51 15.03 38.50
CA SER D 56 -9.25 14.82 37.81
C SER D 56 -8.47 16.11 37.64
N GLU D 57 -7.15 15.98 37.61
CA GLU D 57 -6.24 17.11 37.42
C GLU D 57 -5.66 17.09 36.02
N ARG D 58 -5.86 15.97 35.32
CA ARG D 58 -5.41 15.83 33.95
C ARG D 58 -6.55 15.42 33.01
N VAL D 59 -6.32 15.61 31.72
CA VAL D 59 -7.25 15.23 30.69
C VAL D 59 -6.47 14.54 29.56
N PRO D 60 -7.14 13.70 28.74
CA PRO D 60 -8.59 13.51 28.59
C PRO D 60 -9.29 12.84 29.75
N VAL D 61 -10.56 13.22 29.91
CA VAL D 61 -11.48 12.57 30.83
C VAL D 61 -12.81 12.44 30.10
N ILE D 62 -13.41 11.26 30.13
CA ILE D 62 -14.72 11.08 29.51
C ILE D 62 -15.77 10.70 30.54
N VAL D 63 -16.98 11.22 30.34
CA VAL D 63 -18.12 10.90 31.19
C VAL D 63 -19.16 10.18 30.36
N ASP D 64 -19.17 8.86 30.46
CA ASP D 64 -20.07 8.02 29.71
C ASP D 64 -21.22 7.53 30.59
N ASP D 65 -22.39 8.14 30.44
CA ASP D 65 -23.57 7.80 31.23
C ASP D 65 -23.30 7.90 32.73
N GLY D 66 -22.38 8.79 33.08
CA GLY D 66 -22.03 9.04 34.47
C GLY D 66 -20.74 8.36 34.88
N GLU D 67 -20.19 7.51 34.01
CA GLU D 67 -18.94 6.84 34.29
C GLU D 67 -17.75 7.70 33.88
N TRP D 68 -17.04 8.23 34.88
CA TRP D 68 -15.86 9.05 34.62
C TRP D 68 -14.64 8.19 34.34
N VAL D 69 -14.12 8.24 33.12
CA VAL D 69 -12.97 7.43 32.74
C VAL D 69 -11.75 8.30 32.48
N LEU D 70 -10.70 8.11 33.29
CA LEU D 70 -9.49 8.92 33.23
C LEU D 70 -8.38 8.19 32.48
N ASP D 71 -7.43 8.96 31.95
CA ASP D 71 -6.26 8.43 31.23
C ASP D 71 -6.66 7.84 29.88
N SER D 72 -6.07 8.38 28.80
CA SER D 72 -6.44 8.01 27.45
C SER D 72 -6.25 6.52 27.15
N TRP D 73 -5.22 5.92 27.73
CA TRP D 73 -4.98 4.49 27.52
C TRP D 73 -6.07 3.65 28.18
N VAL D 74 -6.44 4.02 29.41
CA VAL D 74 -7.51 3.35 30.12
C VAL D 74 -8.82 3.48 29.35
N ILE D 75 -9.07 4.67 28.82
CA ILE D 75 -10.30 4.94 28.06
C ILE D 75 -10.43 3.99 26.88
N ALA D 76 -9.35 3.82 26.12
CA ALA D 76 -9.34 2.93 24.98
C ALA D 76 -9.70 1.50 25.40
N GLU D 77 -9.16 1.07 26.54
CA GLU D 77 -9.48 -0.24 27.09
C GLU D 77 -10.90 -0.29 27.59
N TYR D 78 -11.37 0.83 28.15
CA TYR D 78 -12.74 0.93 28.65
C TYR D 78 -13.74 0.79 27.52
N LEU D 79 -13.53 1.55 26.45
CA LEU D 79 -14.44 1.54 25.31
C LEU D 79 -14.48 0.16 24.65
N ASP D 80 -13.33 -0.51 24.62
CA ASP D 80 -13.24 -1.84 24.04
C ASP D 80 -13.90 -2.87 24.94
N GLU D 81 -13.87 -2.62 26.24
CA GLU D 81 -14.47 -3.52 27.22
C GLU D 81 -15.99 -3.33 27.27
N LYS D 82 -16.43 -2.08 27.22
CA LYS D 82 -17.84 -1.76 27.40
C LYS D 82 -18.63 -1.77 26.09
N TYR D 83 -17.92 -1.74 24.97
CA TYR D 83 -18.57 -1.72 23.66
C TYR D 83 -17.86 -2.61 22.65
N PRO D 84 -17.82 -3.92 22.93
CA PRO D 84 -17.23 -4.87 21.97
C PRO D 84 -18.07 -4.95 20.69
N ASP D 85 -19.34 -4.57 20.80
CA ASP D 85 -20.24 -4.54 19.65
C ASP D 85 -19.83 -3.47 18.63
N ARG D 86 -19.07 -2.48 19.10
CA ARG D 86 -18.60 -1.39 18.25
C ARG D 86 -17.14 -1.62 17.87
N PRO D 87 -16.69 -1.06 16.74
CA PRO D 87 -15.34 -1.27 16.20
C PRO D 87 -14.22 -1.20 17.25
N MET D 88 -13.34 -2.20 17.22
CA MET D 88 -12.37 -2.40 18.29
C MET D 88 -11.13 -1.52 18.14
N LEU D 89 -10.64 -1.07 19.28
CA LEU D 89 -9.46 -0.23 19.36
C LEU D 89 -8.19 -1.06 19.43
N PHE D 90 -8.24 -2.14 20.22
CA PHE D 90 -7.18 -3.14 20.26
C PHE D 90 -7.71 -4.47 19.74
N GLU D 91 -6.83 -5.27 19.15
CA GLU D 91 -7.20 -6.59 18.66
C GLU D 91 -6.64 -7.69 19.55
N GLY D 92 -5.90 -7.30 20.58
CA GLY D 92 -5.33 -8.24 21.52
C GLY D 92 -4.18 -7.65 22.32
N PRO D 93 -3.59 -8.44 23.23
CA PRO D 93 -2.49 -7.97 24.08
C PRO D 93 -1.25 -7.63 23.27
N THR D 94 -1.02 -8.38 22.20
CA THR D 94 0.20 -8.23 21.42
C THR D 94 0.24 -6.86 20.77
N GLN D 95 -0.93 -6.32 20.44
CA GLN D 95 -0.98 -4.97 19.89
C GLN D 95 -0.58 -3.98 20.97
N LYS D 96 -1.08 -4.19 22.19
CA LYS D 96 -0.84 -3.25 23.28
C LYS D 96 0.63 -3.14 23.61
N ASN D 97 1.31 -4.28 23.65
CA ASN D 97 2.73 -4.34 23.97
C ASN D 97 3.59 -3.68 22.89
N LEU D 98 3.35 -4.06 21.64
CA LEU D 98 4.11 -3.53 20.51
C LEU D 98 3.71 -2.08 20.23
N MET D 99 2.50 -1.70 20.61
CA MET D 99 2.07 -0.30 20.52
C MET D 99 2.94 0.57 21.41
N LYS D 100 3.05 0.16 22.67
CA LYS D 100 3.80 0.91 23.67
C LYS D 100 5.24 1.11 23.21
N PHE D 101 5.76 0.12 22.49
CA PHE D 101 7.12 0.21 21.97
C PHE D 101 7.20 1.26 20.88
N LEU D 102 6.28 1.22 19.92
CA LEU D 102 6.24 2.20 18.85
C LEU D 102 6.06 3.61 19.40
N ASP D 103 5.10 3.74 20.32
CA ASP D 103 4.81 5.05 20.92
C ASP D 103 6.02 5.58 21.68
N ASN D 104 6.63 4.74 22.50
CA ASN D 104 7.83 5.12 23.23
C ASN D 104 8.91 5.63 22.28
N TRP D 105 8.99 5.02 21.11
CA TRP D 105 9.97 5.39 20.11
C TRP D 105 9.59 6.70 19.44
N LEU D 106 8.30 6.87 19.17
CA LEU D 106 7.80 8.09 18.54
C LEU D 106 7.98 9.28 19.46
N TRP D 107 7.83 9.05 20.77
CA TRP D 107 7.97 10.10 21.75
C TRP D 107 9.44 10.45 22.02
N SER D 108 10.32 9.46 21.83
CA SER D 108 11.76 9.70 21.97
C SER D 108 12.32 10.40 20.75
N THR D 109 11.79 10.04 19.57
CA THR D 109 12.38 10.47 18.30
C THR D 109 11.75 11.73 17.74
N ALA D 110 10.43 11.86 17.89
CA ALA D 110 9.70 12.97 17.28
C ALA D 110 9.26 13.99 18.33
N VAL D 111 8.44 13.56 19.27
CA VAL D 111 7.88 14.45 20.28
C VAL D 111 8.98 15.19 21.04
N GLY D 112 9.99 14.45 21.46
CA GLY D 112 11.10 15.03 22.21
C GLY D 112 11.72 16.23 21.52
N PRO D 113 12.36 16.01 20.36
CA PRO D 113 12.96 17.10 19.59
C PRO D 113 11.98 18.18 19.19
N TRP D 114 10.81 17.80 18.69
CA TRP D 114 9.82 18.77 18.23
C TRP D 114 9.26 19.60 19.38
N PHE D 115 9.24 19.02 20.58
CA PHE D 115 8.80 19.76 21.75
C PHE D 115 9.70 20.96 21.98
N ARG D 116 11.01 20.75 21.85
CA ARG D 116 11.97 21.83 22.01
C ARG D 116 11.89 22.84 20.87
N CYS D 117 11.48 22.38 19.70
CA CYS D 117 11.41 23.24 18.51
C CYS D 117 10.12 24.05 18.43
N TYR D 118 9.14 23.71 19.29
CA TYR D 118 7.82 24.30 19.18
C TYR D 118 7.23 24.69 20.53
N ILE D 119 8.06 24.76 21.57
CA ILE D 119 7.57 25.04 22.92
C ILE D 119 7.14 26.50 23.09
N LEU D 120 7.76 27.41 22.36
CA LEU D 120 7.35 28.81 22.43
C LEU D 120 6.06 28.99 21.63
N ASP D 121 5.93 28.26 20.53
CA ASP D 121 4.70 28.25 19.76
C ASP D 121 3.59 27.64 20.61
N TYR D 122 3.86 26.45 21.13
CA TYR D 122 3.05 25.80 22.17
C TYR D 122 2.52 26.84 23.15
N HIS D 123 3.42 27.65 23.68
CA HIS D 123 3.06 28.69 24.63
C HIS D 123 2.22 29.80 24.00
N ASP D 124 2.73 30.39 22.92
CA ASP D 124 2.09 31.54 22.29
C ASP D 124 0.69 31.24 21.77
N LEU D 125 0.42 29.97 21.47
CA LEU D 125 -0.85 29.58 20.87
C LEU D 125 -1.90 29.19 21.90
N SER D 126 -1.47 28.82 23.09
CA SER D 126 -2.40 28.42 24.15
C SER D 126 -3.23 29.62 24.61
N LEU D 127 -4.33 29.34 25.30
CA LEU D 127 -5.24 30.38 25.79
C LEU D 127 -4.50 31.40 26.67
N PRO D 128 -5.00 32.64 26.70
CA PRO D 128 -4.34 33.68 27.51
C PRO D 128 -4.19 33.31 28.98
N GLN D 129 -5.18 32.62 29.54
CA GLN D 129 -5.14 32.24 30.94
C GLN D 129 -4.18 31.07 31.18
N ASP D 130 -3.74 30.44 30.10
CA ASP D 130 -2.85 29.28 30.18
C ASP D 130 -1.39 29.65 30.00
N ARG D 131 -1.13 30.73 29.26
CA ARG D 131 0.23 31.06 28.81
C ARG D 131 1.24 31.13 29.94
N ASP D 132 0.95 31.94 30.95
CA ASP D 132 1.88 32.11 32.07
C ASP D 132 2.08 30.78 32.80
N TYR D 133 1.00 29.99 32.92
CA TYR D 133 1.11 28.67 33.52
C TYR D 133 1.96 27.75 32.67
N VAL D 134 1.70 27.75 31.36
CA VAL D 134 2.47 26.93 30.42
C VAL D 134 3.94 27.33 30.46
N ARG D 135 4.20 28.61 30.70
CA ARG D 135 5.57 29.09 30.75
C ARG D 135 6.34 28.55 31.96
N TRP D 136 5.86 28.82 33.17
CA TRP D 136 6.61 28.42 34.36
C TRP D 136 6.59 26.92 34.58
N SER D 137 5.53 26.25 34.12
CA SER D 137 5.42 24.81 34.30
C SER D 137 6.36 24.04 33.38
N ARG D 138 6.44 24.45 32.12
CA ARG D 138 7.32 23.79 31.15
C ARG D 138 8.78 24.17 31.37
N GLU D 139 9.02 25.40 31.85
CA GLU D 139 10.37 25.86 32.11
C GLU D 139 10.96 25.20 33.35
N GLN D 140 10.11 24.85 34.31
CA GLN D 140 10.58 24.31 35.58
C GLN D 140 10.86 22.81 35.49
N TRP D 141 9.85 22.05 35.06
CA TRP D 141 9.97 20.59 34.99
C TRP D 141 10.90 20.20 33.87
N PHE D 142 10.50 20.53 32.65
CA PHE D 142 11.30 20.28 31.47
C PHE D 142 12.22 21.48 31.26
N LEU D 143 13.07 21.43 30.25
CA LEU D 143 13.89 22.57 29.87
C LEU D 143 14.80 23.06 31.00
N GLY D 144 14.96 22.22 32.02
CA GLY D 144 15.78 22.58 33.18
C GLY D 144 15.30 23.84 33.85
N GLY D 145 15.82 24.98 33.38
CA GLY D 145 15.44 26.28 33.92
C GLY D 145 15.43 27.39 32.89
N GLN D 146 16.03 27.13 31.73
CA GLN D 146 16.08 28.14 30.68
C GLN D 146 14.69 28.33 30.06
N ARG D 147 14.51 29.46 29.38
CA ARG D 147 13.19 29.88 28.93
C ARG D 147 12.77 29.19 27.64
N LEU D 148 11.49 29.33 27.30
CA LEU D 148 10.96 28.73 26.09
C LEU D 148 11.63 29.32 24.86
N GLU D 149 12.00 30.59 24.94
CA GLU D 149 12.62 31.29 23.83
C GLU D 149 13.96 30.68 23.47
N ASP D 150 14.75 30.35 24.50
CA ASP D 150 16.10 29.83 24.29
C ASP D 150 16.07 28.40 23.77
N VAL D 151 15.09 27.62 24.21
CA VAL D 151 14.98 26.22 23.81
C VAL D 151 14.56 26.11 22.35
N GLN D 152 13.66 27.01 21.93
CA GLN D 152 13.18 27.02 20.56
C GLN D 152 14.17 27.72 19.63
N ALA D 153 15.08 28.50 20.21
CA ALA D 153 16.10 29.19 19.42
C ALA D 153 16.94 28.18 18.65
N GLY D 154 17.15 28.45 17.36
CA GLY D 154 17.95 27.59 16.52
C GLY D 154 17.24 26.30 16.13
N ARG D 155 15.91 26.31 16.20
CA ARG D 155 15.13 25.15 15.78
C ARG D 155 15.31 24.92 14.29
N GLU D 156 15.65 25.98 13.57
CA GLU D 156 15.85 25.91 12.12
C GLU D 156 17.01 24.98 11.77
N ASP D 157 17.90 24.76 12.74
CA ASP D 157 19.02 23.85 12.56
C ASP D 157 18.71 22.45 13.10
N ARG D 158 17.65 22.36 13.91
CA ARG D 158 17.30 21.09 14.58
C ARG D 158 16.16 20.37 13.88
N LEU D 159 15.22 21.13 13.31
CA LEU D 159 14.07 20.55 12.63
C LEU D 159 14.48 19.71 11.42
N PRO D 160 15.49 20.14 10.65
CA PRO D 160 15.92 19.31 9.52
C PRO D 160 16.55 17.99 9.94
N LEU D 161 16.92 17.86 11.20
CA LEU D 161 17.60 16.66 11.69
C LEU D 161 16.62 15.54 12.06
N VAL D 162 15.34 15.87 12.19
CA VAL D 162 14.36 14.91 12.67
C VAL D 162 13.83 13.96 11.59
N PRO D 163 13.48 14.47 10.40
CA PRO D 163 12.91 13.61 9.36
C PRO D 163 13.70 12.33 9.08
N PRO D 164 15.04 12.42 8.95
CA PRO D 164 15.79 11.19 8.65
C PRO D 164 15.68 10.13 9.74
N THR D 165 15.43 10.57 10.98
CA THR D 165 15.34 9.65 12.11
C THR D 165 14.00 8.93 12.14
N LEU D 166 13.04 9.43 11.37
CA LEU D 166 11.70 8.85 11.34
C LEU D 166 11.58 7.69 10.35
N GLU D 167 12.67 7.40 9.64
CA GLU D 167 12.64 6.40 8.57
C GLU D 167 12.17 5.02 9.01
N PRO D 168 12.53 4.58 10.23
CA PRO D 168 12.03 3.28 10.70
C PRO D 168 10.50 3.22 10.72
N PHE D 169 9.85 4.38 10.84
CA PHE D 169 8.39 4.45 10.83
C PHE D 169 7.88 4.47 9.39
N ARG D 170 8.60 5.17 8.51
CA ARG D 170 8.26 5.22 7.10
C ARG D 170 8.33 3.83 6.48
N ARG D 171 9.33 3.07 6.93
CA ARG D 171 9.56 1.71 6.44
C ARG D 171 8.35 0.82 6.69
N ILE D 172 7.68 1.04 7.81
CA ILE D 172 6.50 0.27 8.18
C ILE D 172 5.28 0.73 7.38
N LEU D 173 5.10 2.05 7.28
CA LEU D 173 3.95 2.62 6.60
C LEU D 173 4.05 2.51 5.08
N ALA D 174 5.23 2.15 4.59
CA ALA D 174 5.44 1.99 3.15
C ALA D 174 4.92 0.64 2.68
N GLU D 175 4.48 -0.19 3.62
CA GLU D 175 4.01 -1.54 3.31
C GLU D 175 2.64 -1.82 3.92
N THR D 176 1.99 -0.77 4.44
CA THR D 176 0.65 -0.91 5.00
C THR D 176 -0.13 0.39 4.84
N LYS D 177 -1.43 0.26 4.59
CA LYS D 177 -2.29 1.43 4.45
C LYS D 177 -2.47 2.07 5.82
N TRP D 178 -2.64 1.22 6.83
CA TRP D 178 -2.70 1.64 8.22
C TRP D 178 -1.87 0.68 9.05
N LEU D 179 -1.54 1.09 10.28
CA LEU D 179 -0.91 0.18 11.22
C LEU D 179 -1.89 -0.93 11.60
N GLY D 180 -3.18 -0.64 11.50
CA GLY D 180 -4.22 -1.61 11.78
C GLY D 180 -4.59 -2.47 10.59
N GLY D 181 -3.86 -2.30 9.49
CA GLY D 181 -4.11 -3.07 8.27
C GLY D 181 -4.89 -2.28 7.25
N ASP D 182 -5.97 -2.86 6.74
CA ASP D 182 -6.84 -2.16 5.81
C ASP D 182 -7.62 -1.06 6.54
N GLN D 183 -7.86 -1.27 7.82
CA GLN D 183 -8.61 -0.32 8.64
C GLN D 183 -7.76 0.19 9.81
N PRO D 184 -7.90 1.48 10.13
CA PRO D 184 -7.14 2.04 11.26
C PRO D 184 -7.72 1.64 12.61
N ASN D 185 -6.85 1.48 13.61
CA ASN D 185 -7.30 1.26 14.97
C ASN D 185 -6.50 2.16 15.92
N PHE D 186 -6.49 1.81 17.20
CA PHE D 186 -5.87 2.69 18.21
C PHE D 186 -4.35 2.77 18.05
N ALA D 187 -3.75 1.79 17.37
CA ALA D 187 -2.32 1.85 17.07
C ALA D 187 -2.05 3.04 16.16
N ASP D 188 -2.88 3.21 15.15
CA ASP D 188 -2.77 4.34 14.23
C ASP D 188 -3.06 5.65 14.95
N TYR D 189 -4.10 5.65 15.77
CA TYR D 189 -4.53 6.86 16.47
C TYR D 189 -3.49 7.31 17.49
N SER D 190 -2.90 6.36 18.20
CA SER D 190 -1.88 6.66 19.19
C SER D 190 -0.63 7.22 18.50
N ALA D 191 -0.25 6.60 17.39
CA ALA D 191 0.90 7.07 16.62
C ALA D 191 0.60 8.43 16.00
N LEU D 192 -0.63 8.60 15.54
CA LEU D 192 -1.04 9.82 14.83
C LEU D 192 -1.16 11.01 15.79
N ALA D 193 -1.38 10.72 17.07
CA ALA D 193 -1.51 11.76 18.09
C ALA D 193 -0.23 12.59 18.18
N VAL D 194 0.91 11.92 18.04
CA VAL D 194 2.21 12.57 18.04
C VAL D 194 2.25 13.69 17.00
N PHE D 195 1.71 13.39 15.82
CA PHE D 195 1.75 14.31 14.70
C PHE D 195 0.62 15.33 14.78
N LEU D 196 -0.49 14.95 15.41
CA LEU D 196 -1.59 15.87 15.61
C LEU D 196 -1.19 16.95 16.60
N TRP D 197 -0.42 16.56 17.61
CA TRP D 197 0.11 17.50 18.58
C TRP D 197 1.05 18.49 17.91
N THR D 198 1.95 17.96 17.08
CA THR D 198 2.92 18.78 16.36
C THR D 198 2.22 19.79 15.46
N ALA D 199 1.22 19.32 14.72
CA ALA D 199 0.47 20.16 13.79
C ALA D 199 -0.26 21.29 14.51
N SER D 200 -0.65 21.05 15.76
CA SER D 200 -1.42 22.04 16.51
C SER D 200 -0.55 23.17 17.04
N VAL D 201 0.76 22.95 17.12
CA VAL D 201 1.68 23.95 17.67
C VAL D 201 2.76 24.38 16.69
N ALA D 202 3.04 23.58 15.67
CA ALA D 202 4.14 23.87 14.75
C ALA D 202 3.85 25.08 13.87
N ARG D 203 4.37 26.24 14.26
CA ARG D 203 4.21 27.46 13.46
C ARG D 203 5.16 27.47 12.25
N THR D 204 5.95 26.40 12.13
CA THR D 204 6.73 26.15 10.92
C THR D 204 6.73 24.64 10.68
N PRO D 205 6.51 24.21 9.43
CA PRO D 205 6.38 22.77 9.16
C PRO D 205 7.64 21.96 9.49
N PRO D 206 7.48 20.84 10.23
CA PRO D 206 8.62 19.98 10.56
C PRO D 206 9.02 19.00 9.46
N LEU D 207 8.14 18.79 8.49
CA LEU D 207 8.35 17.80 7.44
C LEU D 207 8.37 18.44 6.06
N THR D 208 8.99 17.74 5.11
CA THR D 208 9.03 18.20 3.72
C THR D 208 7.73 17.87 3.01
N GLU D 209 7.45 18.60 1.94
CA GLU D 209 6.21 18.47 1.20
C GLU D 209 6.01 17.05 0.63
N ASP D 210 7.13 16.39 0.32
CA ASP D 210 7.10 15.09 -0.36
C ASP D 210 7.43 13.93 0.59
N ASP D 211 7.27 14.15 1.89
CA ASP D 211 7.58 13.13 2.87
C ASP D 211 6.64 11.93 2.70
N PRO D 212 7.22 10.71 2.61
CA PRO D 212 6.40 9.49 2.48
C PRO D 212 5.36 9.29 3.58
N LEU D 213 5.54 9.96 4.72
CA LEU D 213 4.57 9.89 5.80
C LEU D 213 3.29 10.64 5.48
N ARG D 214 3.35 11.50 4.47
CA ARG D 214 2.23 12.39 4.15
C ARG D 214 0.95 11.61 3.86
N ASP D 215 1.08 10.50 3.15
CA ASP D 215 -0.07 9.69 2.76
C ASP D 215 -0.83 9.21 3.99
N TRP D 216 -0.11 8.64 4.94
CA TRP D 216 -0.71 8.14 6.17
C TRP D 216 -1.20 9.29 7.04
N LEU D 217 -0.42 10.37 7.09
CA LEU D 217 -0.78 11.53 7.91
C LEU D 217 -2.03 12.23 7.38
N ASP D 218 -2.05 12.52 6.08
CA ASP D 218 -3.20 13.17 5.47
C ASP D 218 -4.47 12.33 5.66
N ARG D 219 -4.36 11.03 5.40
CA ARG D 219 -5.49 10.13 5.57
C ARG D 219 -5.94 10.09 7.01
N GLY D 220 -4.97 10.09 7.93
CA GLY D 220 -5.27 10.09 9.35
C GLY D 220 -5.98 11.36 9.77
N PHE D 221 -5.45 12.50 9.34
CA PHE D 221 -6.02 13.80 9.69
C PHE D 221 -7.42 13.97 9.12
N ASP D 222 -7.73 13.24 8.04
CA ASP D 222 -9.01 13.37 7.38
C ASP D 222 -10.07 12.46 7.98
N LEU D 223 -9.64 11.45 8.72
CA LEU D 223 -10.57 10.47 9.31
C LEU D 223 -11.69 11.14 10.10
N PHE D 224 -12.87 10.53 10.05
CA PHE D 224 -14.02 10.97 10.82
C PHE D 224 -14.33 12.43 10.58
N ASP D 225 -14.46 12.79 9.30
CA ASP D 225 -14.80 14.15 8.88
C ASP D 225 -13.73 15.15 9.33
N GLY D 226 -12.49 14.88 8.95
CA GLY D 226 -11.40 15.81 9.18
C GLY D 226 -11.20 16.16 10.64
N LEU D 227 -11.08 15.14 11.47
CA LEU D 227 -10.90 15.34 12.91
C LEU D 227 -9.63 16.15 13.18
N GLY D 228 -8.59 15.89 12.38
CA GLY D 228 -7.34 16.61 12.49
C GLY D 228 -7.26 17.83 11.59
N ARG D 229 -8.41 18.27 11.08
CA ARG D 229 -8.48 19.43 10.19
C ARG D 229 -9.17 20.61 10.87
N HIS D 230 -8.99 20.72 12.19
CA HIS D 230 -9.53 21.85 12.93
C HIS D 230 -8.89 23.13 12.40
N PRO D 231 -9.67 24.23 12.33
CA PRO D 231 -9.16 25.49 11.78
C PRO D 231 -7.80 25.94 12.34
N GLY D 232 -7.54 25.66 13.61
CA GLY D 232 -6.32 26.12 14.25
C GLY D 232 -5.07 25.36 13.84
N MET D 233 -5.26 24.17 13.28
CA MET D 233 -4.13 23.29 12.94
C MET D 233 -3.15 23.95 11.97
N ASN D 234 -1.87 23.59 12.10
CA ASN D 234 -0.83 24.05 11.17
C ASN D 234 -0.45 22.93 10.22
N PRO D 235 0.06 23.27 9.03
CA PRO D 235 0.54 22.23 8.12
C PRO D 235 1.81 21.56 8.62
N LEU D 236 1.87 20.24 8.54
CA LEU D 236 3.07 19.50 8.92
C LEU D 236 4.14 19.57 7.83
N PHE D 237 3.73 19.99 6.64
CA PHE D 237 4.58 19.89 5.45
C PHE D 237 4.92 21.27 4.88
N GLY D 238 6.18 21.44 4.50
CA GLY D 238 6.68 22.69 3.96
C GLY D 238 8.06 23.06 4.45
N LEU D 239 8.74 22.12 5.10
CA LEU D 239 10.09 22.36 5.61
C LEU D 239 11.07 22.61 4.48
N LYS D 240 11.59 23.83 4.42
CA LYS D 240 12.59 24.20 3.41
C LYS D 240 13.98 23.79 3.88
N LEU D 241 14.53 22.75 3.26
CA LEU D 241 15.86 22.27 3.61
C LEU D 241 16.93 23.13 2.93
N ARG D 242 18.06 23.28 3.61
CA ARG D 242 19.17 24.07 3.08
C ARG D 242 20.27 23.14 2.57
N GLU D 243 21.32 23.73 2.02
CA GLU D 243 22.41 22.96 1.40
C GLU D 243 23.02 21.96 2.38
N GLY D 244 23.22 22.39 3.62
CA GLY D 244 23.87 21.56 4.62
C GLY D 244 23.00 20.47 5.19
N ASP D 245 21.68 20.65 5.12
CA ASP D 245 20.74 19.71 5.74
C ASP D 245 20.85 18.32 5.15
N PRO D 246 20.42 17.29 5.92
CA PRO D 246 20.48 15.91 5.43
C PRO D 246 19.28 15.54 4.57
N GLU D 247 19.36 14.40 3.88
CA GLU D 247 18.22 13.89 3.13
C GLU D 247 17.13 13.47 4.11
N PRO D 248 15.93 14.06 4.00
CA PRO D 248 14.90 13.82 5.00
C PRO D 248 14.35 12.38 4.99
N PHE D 249 14.48 11.67 3.88
CA PHE D 249 13.97 10.30 3.81
C PHE D 249 14.58 9.50 2.67
N VAL D 250 14.48 8.17 2.78
CA VAL D 250 14.95 7.27 1.73
C VAL D 250 14.05 7.40 0.51
N ARG D 251 14.67 7.53 -0.66
CA ARG D 251 13.93 7.68 -1.91
C ARG D 251 14.04 6.40 -2.74
N GLN D 252 13.29 6.35 -3.84
CA GLN D 252 13.22 5.17 -4.67
C GLN D 252 14.31 5.16 -5.74
N THR D 253 15.46 5.76 -5.43
CA THR D 253 16.52 5.94 -6.43
C THR D 253 17.28 4.66 -6.77
N GLY D 254 16.71 3.50 -6.46
CA GLY D 254 17.31 2.23 -6.79
C GLY D 254 16.27 1.17 -7.09
#